data_7YRH
#
_entry.id   7YRH
#
_cell.length_a   1.00
_cell.length_b   1.00
_cell.length_c   1.00
_cell.angle_alpha   90.00
_cell.angle_beta   90.00
_cell.angle_gamma   90.00
#
_symmetry.space_group_name_H-M   'P 1'
#
loop_
_entity.id
_entity.type
_entity.pdbx_description
1 polymer 'Capsid protein VP1'
2 polymer 'Genome polyprotein'
3 polymer 'Capsid protein VP3'
4 polymer 'The light chain of the antibody 9B5'
5 polymer 'The heavy chain of the antibody 9B5'
6 non-polymer SPHINGOSINE
#
loop_
_entity_poly.entity_id
_entity_poly.type
_entity_poly.pdbx_seq_one_letter_code
_entity_poly.pdbx_strand_id
1 'polypeptide(L)'
;GDPIADMIDQTVNNQVNRSLTALQVLPTAANTEASSHRLGTGVVPALQAAETGASSNASDKNLIETRCVLNHHSTQETAI
GNFFSRAGLVSIITMPTMGTQNTDGYANWDIDLMGYAQLRRKCELFTYMRFDAEFTFVVAKPNGELVPQLLQYMYVPPGA
PKPTSRDSFAWQTATNPSVFVKMTDPPAQVSVPFMSPASAYQWFYDGYPTFGEHLQANDLDYGQCPNNMMGTFSIRTVGT
KKSPHSITLRVYMRIKHVRAWIPRPLRNQPYLFKTNPNYKGNDIKCTSTSRDKITTL
;
A
2 'polypeptide(L)'
;ENSNSASEGSTINYTTINYYKDAYAASAGRQDMSQDPKRFTDPVMDVIHEMAPPLKSPSAEACGYSDRVAQLTIGNSTIT
TQEAANIVIAYGEWPEYCPDTDATAVDKPTRPDVSVNRFFTLDTKSWAKDSKGWYWKFPDVLTEVGVFGQNAQFHYLYRS
GFCVHVQCNASKFHQGALLVAVLPEYVLGTIAGGTGNENSHPPYATTQPGQVGAVLTHPYVLDAGIPLSQLTVCPHQWIN
LRTNNCATIIVPYMNTVPFDSALNHCNFGLLVIPVVPLDFNAGATSEIPITVTIAPMCAEFAGLRQAVKQ
;
B
3 'polypeptide(L)'
;GIPTELKPGTNQFLTTDDGVSAPILPGFHPTPPIHIPGEVRNLLEICRVETILEVNNLKTNETTPMQRLCFPVSVQSKTG
ELCAAFRADPGRDGPWQSTILGQLCRYYTQWSGSLEVTFMFAGSFMATGKMLIAYTPPGGSVPADRITAMLGTHVIWDFG
LQSSVTLVVPWISNTHYRAHARAGYFDYYTTGIITIWYQTNYVVPIGAPTTAYIVALAAAQDNFTMKLCKDTEDIEQTAN
IQ
;
C
4 'polypeptide(L)'
;DIQMTQSPASLSVSVGETVTITCRASENIYSNLAWYQQKQGKSPQLLVYAATNLADGVPSRFSGSGSGTQYSLKINSLQS
EDFGTYYCQQFWDTPFTFGSGTKLAIKRADAAPTVSIFPPSSEQLTSGGASVVCFLNNFYPKDINVKWKIDGSERQNGVL
NSWTDQDSKDSTYSMSSTLTLTKDEYERHNSYTCEATHKTSTSPIVKSFNRNEC
;
E
5 'polypeptide(L)'
;EVQLQQSGPELVKPGASVKMSCKTSGYTFTENTMHWVRQSHGKSLEWIGGIYPKNDDTKYNQKFKGKATLTVDKSSSTAC
MELRSLTSEDSAVYYCARGDYENYFYAMDYWGQGTSVTVSSAKTTPPSVYPLAPGCGDTTGSSVTLGCLVKGYFPESVTV
TWNSGSLSSSVHTFPALLQSGLYTMSSSVTVPSSTWPSQTVTCSVAHPASSTTVDKKL
;
F
#
loop_
_chem_comp.id
_chem_comp.type
_chem_comp.name
_chem_comp.formula
SPH non-polymer SPHINGOSINE 'C18 H37 N O2'
#
# COMPACT_ATOMS: atom_id res chain seq x y z
N HIS A 73 16.06 4.82 46.02
CA HIS A 73 15.46 5.39 44.84
C HIS A 73 16.38 5.22 43.64
N SER A 74 16.32 4.05 43.01
CA SER A 74 17.21 3.74 41.89
C SER A 74 16.63 4.20 40.57
N THR A 75 17.51 4.65 39.68
CA THR A 75 17.13 5.20 38.39
C THR A 75 17.06 4.15 37.29
N GLN A 76 17.23 2.87 37.64
CA GLN A 76 17.36 1.82 36.62
C GLN A 76 16.15 1.75 35.71
N GLU A 77 14.95 1.96 36.26
CA GLU A 77 13.74 1.93 35.43
C GLU A 77 13.71 3.00 34.36
N THR A 78 14.29 4.17 34.63
CA THR A 78 14.26 5.27 33.68
C THR A 78 15.34 5.16 32.62
N ALA A 79 16.20 4.15 32.68
CA ALA A 79 17.23 3.96 31.68
C ALA A 79 16.60 3.58 30.34
N ILE A 80 17.29 3.97 29.26
CA ILE A 80 16.78 3.68 27.92
C ILE A 80 16.80 2.20 27.61
N GLY A 81 17.61 1.43 28.34
CA GLY A 81 17.62 -0.01 28.14
C GLY A 81 16.32 -0.66 28.58
N ASN A 82 15.91 -0.40 29.82
CA ASN A 82 14.67 -0.98 30.33
C ASN A 82 13.43 -0.35 29.70
N PHE A 83 13.56 0.84 29.12
CA PHE A 83 12.41 1.49 28.51
C PHE A 83 12.10 0.90 27.14
N PHE A 84 13.13 0.48 26.40
CA PHE A 84 12.96 -0.15 25.10
C PHE A 84 13.01 -1.68 25.16
N SER A 85 13.20 -2.26 26.34
CA SER A 85 13.30 -3.72 26.45
C SER A 85 11.95 -4.41 26.47
N ARG A 86 10.86 -3.64 26.41
CA ARG A 86 9.54 -4.21 26.28
C ARG A 86 9.35 -4.70 24.85
N ALA A 87 8.46 -5.67 24.67
CA ALA A 87 8.19 -6.22 23.34
C ALA A 87 6.82 -5.77 22.86
N GLY A 88 6.74 -5.40 21.58
CA GLY A 88 5.51 -4.85 21.05
C GLY A 88 5.31 -5.24 19.59
N LEU A 89 4.12 -4.93 19.09
CA LEU A 89 3.65 -5.46 17.82
C LEU A 89 4.04 -4.52 16.69
N VAL A 90 4.92 -5.00 15.80
CA VAL A 90 5.32 -4.19 14.65
C VAL A 90 4.32 -4.32 13.50
N SER A 91 3.85 -5.53 13.20
CA SER A 91 3.03 -5.73 12.02
C SER A 91 2.19 -7.00 12.17
N ILE A 92 1.15 -7.08 11.35
CA ILE A 92 0.26 -8.23 11.32
C ILE A 92 0.14 -8.70 9.88
N ILE A 93 0.61 -9.91 9.60
CA ILE A 93 0.58 -10.49 8.26
C ILE A 93 -0.59 -11.47 8.20
N THR A 94 -1.47 -11.29 7.22
CA THR A 94 -2.66 -12.11 7.04
C THR A 94 -2.55 -12.91 5.75
N MET A 95 -2.91 -14.18 5.82
CA MET A 95 -2.79 -15.11 4.70
C MET A 95 -4.00 -16.02 4.67
N PRO A 96 -5.13 -15.54 4.16
CA PRO A 96 -6.35 -16.35 4.17
C PRO A 96 -6.44 -17.25 2.94
N THR A 97 -7.45 -18.13 2.96
CA THR A 97 -7.73 -18.96 1.81
C THR A 97 -8.58 -18.23 0.78
N MET A 98 -9.66 -17.59 1.23
CA MET A 98 -10.58 -16.86 0.38
C MET A 98 -10.42 -15.38 0.61
N GLY A 99 -10.41 -14.61 -0.47
CA GLY A 99 -10.26 -13.18 -0.29
C GLY A 99 -9.66 -12.54 -1.54
N THR A 100 -9.01 -11.40 -1.31
CA THR A 100 -8.48 -10.55 -2.37
C THR A 100 -6.95 -10.53 -2.37
N GLN A 101 -6.34 -10.10 -1.27
CA GLN A 101 -4.92 -9.72 -1.29
C GLN A 101 -4.00 -10.93 -1.46
N ASN A 102 -3.90 -11.79 -0.45
CA ASN A 102 -3.10 -13.00 -0.56
C ASN A 102 -4.02 -14.20 -0.49
N THR A 103 -4.31 -14.79 -1.65
CA THR A 103 -5.04 -16.05 -1.72
C THR A 103 -4.16 -17.25 -2.02
N ASP A 104 -2.88 -17.05 -2.33
CA ASP A 104 -2.04 -18.09 -2.91
C ASP A 104 -1.17 -18.80 -1.89
N GLY A 105 -1.21 -18.39 -0.63
CA GLY A 105 -0.41 -19.04 0.38
C GLY A 105 0.96 -18.44 0.63
N TYR A 106 1.28 -17.32 0.00
CA TYR A 106 2.52 -16.62 0.28
C TYR A 106 2.21 -15.14 0.50
N ALA A 107 2.94 -14.52 1.42
CA ALA A 107 2.75 -13.10 1.73
C ALA A 107 4.10 -12.43 1.85
N ASN A 108 4.31 -11.37 1.07
CA ASN A 108 5.51 -10.55 1.17
C ASN A 108 5.18 -9.30 1.97
N TRP A 109 6.06 -8.96 2.90
CA TRP A 109 5.86 -7.80 3.78
C TRP A 109 7.13 -6.97 3.82
N ASP A 110 7.02 -5.71 3.43
CA ASP A 110 8.13 -4.78 3.55
C ASP A 110 8.30 -4.35 5.00
N ILE A 111 9.55 -4.14 5.39
CA ILE A 111 9.87 -3.93 6.80
C ILE A 111 9.57 -2.48 7.17
N ASP A 112 8.64 -2.29 8.11
CA ASP A 112 8.33 -0.97 8.62
C ASP A 112 7.93 -1.09 10.09
N LEU A 113 8.47 -0.20 10.92
CA LEU A 113 8.09 -0.11 12.32
C LEU A 113 6.95 0.88 12.55
N MET A 114 6.59 1.66 11.54
CA MET A 114 5.66 2.77 11.70
C MET A 114 4.20 2.33 11.65
N GLY A 115 3.93 1.04 11.53
CA GLY A 115 2.56 0.61 11.30
C GLY A 115 1.65 0.84 12.49
N TYR A 116 2.18 0.70 13.70
CA TYR A 116 1.37 0.76 14.90
C TYR A 116 1.87 1.87 15.83
N ALA A 117 0.93 2.42 16.60
CA ALA A 117 1.13 3.71 17.24
C ALA A 117 2.02 3.63 18.46
N GLN A 118 1.77 2.67 19.35
CA GLN A 118 2.44 2.69 20.66
C GLN A 118 3.95 2.56 20.52
N LEU A 119 4.42 1.59 19.74
CA LEU A 119 5.85 1.41 19.59
C LEU A 119 6.46 2.55 18.78
N ARG A 120 5.67 3.17 17.91
CA ARG A 120 6.19 4.27 17.09
C ARG A 120 6.45 5.51 17.93
N ARG A 121 5.55 5.84 18.86
CA ARG A 121 5.69 7.06 19.63
C ARG A 121 6.87 7.00 20.59
N LYS A 122 7.35 5.80 20.94
CA LYS A 122 8.58 5.69 21.70
C LYS A 122 9.80 5.98 20.83
N CYS A 123 9.83 5.42 19.63
CA CYS A 123 10.99 5.60 18.76
C CYS A 123 11.10 7.01 18.22
N GLU A 124 9.97 7.72 18.13
CA GLU A 124 9.98 9.10 17.67
C GLU A 124 10.34 10.08 18.78
N LEU A 125 10.52 9.60 20.01
CA LEU A 125 11.03 10.45 21.07
C LEU A 125 12.42 10.96 20.73
N PHE A 126 13.24 10.11 20.12
CA PHE A 126 14.61 10.40 19.76
C PHE A 126 14.71 10.62 18.26
N THR A 127 15.92 10.92 17.80
CA THR A 127 16.20 11.13 16.39
C THR A 127 16.98 9.97 15.81
N TYR A 128 18.21 9.76 16.27
CA TYR A 128 19.07 8.69 15.80
C TYR A 128 19.10 7.57 16.84
N MET A 129 19.07 6.33 16.38
CA MET A 129 19.01 5.20 17.29
C MET A 129 19.78 4.02 16.71
N ARG A 130 20.50 3.31 17.58
CA ARG A 130 21.35 2.19 17.21
C ARG A 130 20.98 1.03 18.13
N PHE A 131 20.44 -0.05 17.56
CA PHE A 131 19.93 -1.12 18.40
C PHE A 131 19.93 -2.44 17.66
N ASP A 132 19.87 -3.52 18.43
CA ASP A 132 19.68 -4.87 17.93
C ASP A 132 18.28 -5.35 18.31
N ALA A 133 17.69 -6.14 17.42
CA ALA A 133 16.29 -6.53 17.55
C ALA A 133 16.15 -8.02 17.79
N GLU A 134 15.08 -8.40 18.45
CA GLU A 134 14.71 -9.79 18.66
C GLU A 134 13.23 -9.94 18.31
N PHE A 135 12.94 -10.73 17.29
CA PHE A 135 11.58 -10.88 16.79
C PHE A 135 10.96 -12.17 17.30
N THR A 136 9.66 -12.12 17.57
CA THR A 136 8.89 -13.28 17.97
C THR A 136 7.69 -13.40 17.05
N PHE A 137 7.43 -14.62 16.58
CA PHE A 137 6.45 -14.89 15.53
C PHE A 137 5.31 -15.72 16.13
N VAL A 138 4.14 -15.11 16.23
CA VAL A 138 2.97 -15.76 16.81
C VAL A 138 2.01 -16.09 15.67
N VAL A 139 1.81 -17.38 15.41
CA VAL A 139 0.95 -17.84 14.33
C VAL A 139 -0.30 -18.45 14.93
N ALA A 140 -1.45 -18.07 14.40
CA ALA A 140 -2.72 -18.65 14.79
C ALA A 140 -3.73 -18.42 13.67
N LYS A 141 -4.81 -19.18 13.71
CA LYS A 141 -5.93 -18.88 12.84
C LYS A 141 -6.64 -17.63 13.34
N PRO A 142 -7.36 -16.91 12.48
CA PRO A 142 -7.97 -15.65 12.90
C PRO A 142 -8.95 -15.77 14.04
N ASN A 143 -9.45 -16.97 14.32
CA ASN A 143 -10.34 -17.19 15.45
C ASN A 143 -9.60 -17.68 16.69
N GLY A 144 -8.29 -17.88 16.61
CA GLY A 144 -7.51 -18.31 17.75
C GLY A 144 -7.15 -19.79 17.75
N GLU A 145 -7.81 -20.60 16.92
CA GLU A 145 -7.53 -22.03 16.91
C GLU A 145 -6.16 -22.31 16.30
N LEU A 146 -5.63 -23.49 16.61
CA LEU A 146 -4.33 -23.92 16.11
C LEU A 146 -4.47 -25.30 15.49
N VAL A 147 -3.84 -25.49 14.33
CA VAL A 147 -3.91 -26.76 13.61
C VAL A 147 -2.49 -27.15 13.22
N PRO A 148 -2.20 -28.44 13.05
CA PRO A 148 -0.84 -28.87 12.69
C PRO A 148 -0.49 -28.60 11.23
N GLN A 149 -0.09 -27.37 10.94
CA GLN A 149 0.30 -26.93 9.61
C GLN A 149 1.74 -26.44 9.64
N LEU A 150 2.51 -26.83 8.64
CA LEU A 150 3.93 -26.45 8.56
C LEU A 150 4.08 -25.15 7.78
N LEU A 151 4.97 -24.28 8.25
CA LEU A 151 5.17 -22.97 7.66
C LEU A 151 6.65 -22.67 7.52
N GLN A 152 6.97 -21.87 6.50
CA GLN A 152 8.32 -21.37 6.28
C GLN A 152 8.30 -19.86 6.28
N TYR A 153 9.25 -19.25 6.98
CA TYR A 153 9.38 -17.80 7.06
C TYR A 153 10.84 -17.43 6.79
N MET A 154 11.08 -16.70 5.72
CA MET A 154 12.43 -16.35 5.32
C MET A 154 12.60 -14.84 5.24
N TYR A 155 13.85 -14.40 5.32
CA TYR A 155 14.21 -12.99 5.25
C TYR A 155 14.91 -12.72 3.93
N VAL A 156 14.37 -11.78 3.16
CA VAL A 156 14.91 -11.42 1.86
C VAL A 156 15.66 -10.11 2.01
N PRO A 157 16.99 -10.12 1.95
CA PRO A 157 17.74 -8.87 2.03
C PRO A 157 17.46 -7.99 0.83
N PRO A 158 17.77 -6.70 0.90
CA PRO A 158 17.48 -5.81 -0.23
C PRO A 158 18.24 -6.24 -1.48
N GLY A 159 17.51 -6.38 -2.58
CA GLY A 159 18.07 -6.74 -3.85
C GLY A 159 18.05 -8.22 -4.16
N ALA A 160 17.47 -9.05 -3.30
CA ALA A 160 17.40 -10.47 -3.57
C ALA A 160 16.16 -10.79 -4.40
N PRO A 161 16.00 -12.03 -4.84
CA PRO A 161 14.76 -12.40 -5.54
C PRO A 161 13.58 -12.44 -4.58
N LYS A 162 12.46 -11.90 -5.04
CA LYS A 162 11.22 -12.02 -4.29
C LYS A 162 10.36 -13.11 -4.89
N PRO A 163 9.90 -14.08 -4.12
CA PRO A 163 9.13 -15.19 -4.69
C PRO A 163 7.80 -14.72 -5.24
N THR A 164 7.50 -15.15 -6.47
CA THR A 164 6.23 -14.84 -7.11
C THR A 164 5.16 -15.89 -6.83
N SER A 165 5.53 -17.04 -6.26
CA SER A 165 4.59 -18.07 -5.90
C SER A 165 5.20 -18.88 -4.75
N ARG A 166 4.44 -19.87 -4.27
CA ARG A 166 4.95 -20.68 -3.18
C ARG A 166 5.82 -21.84 -3.65
N ASP A 167 5.78 -22.16 -4.94
CA ASP A 167 6.61 -23.21 -5.51
C ASP A 167 7.88 -22.69 -6.15
N SER A 168 8.15 -21.40 -6.06
CA SER A 168 9.23 -20.79 -6.83
C SER A 168 10.59 -21.22 -6.29
N PHE A 169 11.64 -20.75 -6.96
CA PHE A 169 13.01 -21.11 -6.63
C PHE A 169 13.58 -20.30 -5.47
N ALA A 170 13.01 -19.14 -5.17
CA ALA A 170 13.52 -18.29 -4.11
C ALA A 170 13.44 -18.95 -2.73
N TRP A 171 12.66 -20.00 -2.59
CA TRP A 171 12.49 -20.67 -1.31
C TRP A 171 13.53 -21.74 -1.04
N GLN A 172 14.46 -21.96 -1.97
CA GLN A 172 15.51 -22.95 -1.74
C GLN A 172 16.49 -22.51 -0.67
N THR A 173 16.41 -21.27 -0.21
CA THR A 173 17.12 -20.71 0.94
C THR A 173 18.60 -21.09 0.96
N ALA A 174 19.21 -21.17 -0.23
CA ALA A 174 20.63 -21.49 -0.30
C ALA A 174 21.50 -20.44 0.37
N THR A 175 21.00 -19.22 0.52
CA THR A 175 21.70 -18.15 1.22
C THR A 175 20.79 -17.50 2.26
N ASN A 176 19.67 -16.94 1.79
CA ASN A 176 18.78 -16.18 2.65
C ASN A 176 18.38 -16.99 3.87
N PRO A 177 18.37 -16.41 5.06
CA PRO A 177 17.93 -17.14 6.25
C PRO A 177 16.47 -17.51 6.18
N SER A 178 16.15 -18.69 6.69
CA SER A 178 14.78 -19.17 6.70
C SER A 178 14.52 -19.87 8.03
N VAL A 179 13.24 -20.09 8.32
CA VAL A 179 12.80 -20.70 9.57
C VAL A 179 11.74 -21.73 9.25
N PHE A 180 11.82 -22.90 9.89
CA PHE A 180 10.83 -23.95 9.77
C PHE A 180 10.12 -24.12 11.11
N VAL A 181 8.84 -23.73 11.16
CA VAL A 181 8.09 -23.71 12.40
C VAL A 181 6.67 -24.20 12.12
N LYS A 182 6.07 -24.82 13.13
CA LYS A 182 4.70 -25.29 13.07
C LYS A 182 3.79 -24.30 13.79
N MET A 183 2.49 -24.57 13.76
CA MET A 183 1.57 -23.71 14.52
C MET A 183 1.54 -24.09 15.99
N THR A 184 1.52 -25.40 16.29
CA THR A 184 1.56 -25.84 17.68
C THR A 184 2.94 -25.65 18.29
N ASP A 185 3.95 -25.44 17.47
CA ASP A 185 5.29 -25.15 17.96
C ASP A 185 5.29 -23.81 18.69
N PRO A 186 5.93 -23.71 19.86
CA PRO A 186 6.10 -22.41 20.51
C PRO A 186 6.73 -21.40 19.57
N PRO A 187 6.49 -20.11 19.79
CA PRO A 187 6.90 -19.09 18.82
C PRO A 187 8.40 -19.10 18.55
N ALA A 188 8.77 -18.55 17.41
CA ALA A 188 10.15 -18.54 16.94
C ALA A 188 10.80 -17.18 17.21
N GLN A 189 11.99 -17.21 17.78
CA GLN A 189 12.76 -16.00 18.04
C GLN A 189 14.07 -16.02 17.26
N VAL A 190 14.44 -14.86 16.74
CA VAL A 190 15.69 -14.68 16.02
C VAL A 190 16.30 -13.35 16.44
N SER A 191 17.63 -13.31 16.52
CA SER A 191 18.36 -12.10 16.86
C SER A 191 18.87 -11.45 15.57
N VAL A 192 18.49 -10.21 15.33
CA VAL A 192 18.84 -9.47 14.13
C VAL A 192 19.84 -8.38 14.52
N PRO A 193 21.00 -8.31 13.90
CA PRO A 193 21.98 -7.29 14.26
C PRO A 193 21.68 -5.94 13.65
N PHE A 194 22.60 -4.99 13.78
CA PHE A 194 22.46 -3.67 13.19
C PHE A 194 23.14 -3.70 11.83
N MET A 195 22.34 -3.76 10.76
CA MET A 195 22.87 -3.88 9.41
C MET A 195 22.84 -2.57 8.61
N SER A 196 22.38 -1.47 9.19
CA SER A 196 22.27 -0.24 8.42
C SER A 196 23.66 0.20 7.96
N PRO A 197 23.80 0.67 6.71
CA PRO A 197 25.11 1.14 6.25
C PRO A 197 25.60 2.39 6.94
N ALA A 198 24.71 3.15 7.58
CA ALA A 198 25.11 4.30 8.38
C ALA A 198 25.41 3.85 9.80
N SER A 199 25.75 4.82 10.66
CA SER A 199 26.10 4.49 12.04
C SER A 199 24.87 4.29 12.93
N ALA A 200 23.72 4.82 12.54
CA ALA A 200 22.51 4.66 13.33
C ALA A 200 21.29 4.86 12.43
N TYR A 201 20.16 4.33 12.88
CA TYR A 201 18.91 4.55 12.18
C TYR A 201 18.44 5.97 12.39
N GLN A 202 17.79 6.54 11.38
CA GLN A 202 17.17 7.85 11.46
C GLN A 202 15.77 7.76 10.90
N TRP A 203 14.75 7.96 11.75
CA TRP A 203 13.38 7.93 11.27
C TRP A 203 12.97 9.25 10.65
N PHE A 204 13.67 10.33 10.97
CA PHE A 204 13.38 11.64 10.43
C PHE A 204 14.55 12.03 9.53
N TYR A 205 14.31 12.03 8.23
CA TYR A 205 15.30 12.38 7.23
C TYR A 205 14.77 13.56 6.44
N ASP A 206 15.43 14.70 6.56
CA ASP A 206 15.04 15.91 5.85
C ASP A 206 15.89 16.02 4.59
N GLY A 207 15.27 15.84 3.44
CA GLY A 207 15.95 16.01 2.18
C GLY A 207 15.35 15.12 1.12
N TYR A 208 15.89 15.25 -0.09
CA TYR A 208 15.56 14.43 -1.24
C TYR A 208 16.73 13.53 -1.59
N PRO A 209 16.58 12.21 -1.46
CA PRO A 209 17.70 11.31 -1.74
C PRO A 209 18.13 11.29 -3.21
N THR A 210 17.32 11.79 -4.13
CA THR A 210 17.63 11.82 -5.55
C THR A 210 18.51 13.02 -5.86
N PHE A 211 18.69 13.28 -7.15
CA PHE A 211 19.36 14.48 -7.65
C PHE A 211 18.48 15.14 -8.71
N GLY A 212 19.00 16.18 -9.34
CA GLY A 212 18.33 16.85 -10.43
C GLY A 212 17.13 17.65 -9.97
N GLU A 213 16.31 18.07 -10.92
CA GLU A 213 15.14 18.87 -10.63
C GLU A 213 14.12 18.05 -9.86
N HIS A 214 13.49 18.66 -8.85
CA HIS A 214 12.50 18.00 -8.03
C HIS A 214 11.12 18.55 -8.40
N LEU A 215 10.30 17.73 -9.04
CA LEU A 215 8.97 18.11 -9.49
C LEU A 215 7.93 17.68 -8.45
N GLN A 216 6.65 17.80 -8.81
CA GLN A 216 5.58 17.35 -7.94
C GLN A 216 5.29 15.87 -8.08
N ALA A 217 5.80 15.21 -9.14
CA ALA A 217 5.57 13.79 -9.31
C ALA A 217 6.48 12.96 -8.40
N ASN A 218 7.73 13.37 -8.27
CA ASN A 218 8.70 12.70 -7.39
C ASN A 218 8.70 13.28 -5.98
N ASP A 219 7.78 14.20 -5.68
CA ASP A 219 7.69 14.80 -4.35
C ASP A 219 7.46 13.77 -3.26
N LEU A 220 6.91 12.60 -3.61
CA LEU A 220 6.75 11.51 -2.64
C LEU A 220 8.08 11.08 -2.03
N ASP A 221 9.19 11.37 -2.69
CA ASP A 221 10.51 10.97 -2.20
C ASP A 221 10.97 11.74 -0.97
N TYR A 222 10.23 12.77 -0.54
CA TYR A 222 10.63 13.54 0.61
C TYR A 222 10.56 12.70 1.88
N GLY A 223 11.60 12.78 2.70
CA GLY A 223 11.62 12.04 3.95
C GLY A 223 11.83 10.56 3.82
N GLN A 224 12.36 10.09 2.70
CA GLN A 224 12.62 8.69 2.47
C GLN A 224 14.12 8.44 2.62
N CYS A 225 14.51 7.75 3.69
CA CYS A 225 15.91 7.47 3.93
C CYS A 225 16.25 6.13 3.29
N PRO A 226 17.15 6.10 2.31
CA PRO A 226 17.53 4.81 1.70
C PRO A 226 18.23 3.88 2.66
N ASN A 227 18.74 4.40 3.78
CA ASN A 227 19.46 3.57 4.74
C ASN A 227 18.52 2.76 5.63
N ASN A 228 17.23 3.09 5.63
CA ASN A 228 16.26 2.44 6.51
C ASN A 228 15.49 1.32 5.86
N MET A 229 15.74 1.01 4.59
CA MET A 229 15.05 -0.09 3.93
C MET A 229 15.90 -1.34 4.10
N MET A 230 15.46 -2.25 4.96
CA MET A 230 16.27 -3.39 5.35
C MET A 230 15.91 -4.70 4.67
N GLY A 231 14.84 -4.75 3.88
CA GLY A 231 14.53 -5.97 3.18
C GLY A 231 13.03 -6.14 3.02
N THR A 232 12.64 -7.39 2.80
CA THR A 232 11.24 -7.78 2.68
C THR A 232 11.03 -9.12 3.38
N PHE A 233 9.99 -9.20 4.20
CA PHE A 233 9.62 -10.47 4.82
C PHE A 233 8.95 -11.36 3.79
N SER A 234 9.01 -12.67 4.03
CA SER A 234 8.30 -13.61 3.20
C SER A 234 7.93 -14.83 4.01
N ILE A 235 6.75 -15.38 3.75
CA ILE A 235 6.24 -16.53 4.48
C ILE A 235 5.33 -17.32 3.56
N ARG A 236 5.36 -18.64 3.68
CA ARG A 236 4.48 -19.48 2.87
C ARG A 236 4.07 -20.72 3.66
N THR A 237 2.94 -21.29 3.25
CA THR A 237 2.61 -22.65 3.65
C THR A 237 3.52 -23.62 2.89
N VAL A 238 4.15 -24.52 3.62
CA VAL A 238 5.12 -25.42 3.00
C VAL A 238 4.37 -26.53 2.28
N GLY A 239 4.52 -26.58 0.96
CA GLY A 239 3.97 -27.64 0.16
C GLY A 239 3.73 -27.18 -1.26
N THR A 240 3.42 -28.15 -2.12
CA THR A 240 3.06 -27.83 -3.50
C THR A 240 1.59 -27.42 -3.59
N LYS A 241 0.73 -28.09 -2.83
CA LYS A 241 -0.70 -27.85 -2.87
C LYS A 241 -1.09 -26.70 -1.94
N LYS A 242 -2.38 -26.44 -1.85
CA LYS A 242 -2.90 -25.35 -1.03
C LYS A 242 -3.52 -25.92 0.24
N SER A 243 -3.27 -25.23 1.37
CA SER A 243 -3.80 -25.67 2.65
C SER A 243 -5.15 -25.04 2.93
N PRO A 244 -6.09 -25.81 3.48
CA PRO A 244 -7.43 -25.26 3.75
C PRO A 244 -7.47 -24.24 4.86
N HIS A 245 -6.43 -24.14 5.69
CA HIS A 245 -6.46 -23.28 6.86
C HIS A 245 -5.96 -21.88 6.52
N SER A 246 -6.63 -20.88 7.07
CA SER A 246 -6.22 -19.49 6.93
C SER A 246 -5.43 -19.08 8.16
N ILE A 247 -4.23 -18.55 7.94
CA ILE A 247 -3.32 -18.20 9.02
C ILE A 247 -3.17 -16.69 9.09
N THR A 248 -2.94 -16.20 10.30
CA THR A 248 -2.57 -14.81 10.53
C THR A 248 -1.35 -14.78 11.44
N LEU A 249 -0.47 -13.82 11.21
CA LEU A 249 0.82 -13.75 11.89
C LEU A 249 0.98 -12.40 12.55
N ARG A 250 1.42 -12.41 13.81
CA ARG A 250 1.69 -11.19 14.57
C ARG A 250 3.16 -11.19 14.96
N VAL A 251 3.91 -10.24 14.42
CA VAL A 251 5.36 -10.16 14.65
C VAL A 251 5.61 -9.12 15.73
N TYR A 252 6.52 -9.44 16.66
CA TYR A 252 6.87 -8.56 17.75
C TYR A 252 8.35 -8.20 17.71
N MET A 253 8.69 -7.09 18.36
CA MET A 253 10.05 -6.58 18.36
C MET A 253 10.45 -6.21 19.79
N ARG A 254 11.63 -6.64 20.20
CA ARG A 254 12.19 -6.25 21.49
C ARG A 254 13.52 -5.56 21.23
N ILE A 255 13.56 -4.25 21.49
CA ILE A 255 14.75 -3.45 21.24
C ILE A 255 15.75 -3.68 22.38
N LYS A 256 16.95 -4.12 22.03
CA LYS A 256 17.97 -4.38 23.03
C LYS A 256 19.30 -3.84 22.52
N HIS A 257 20.22 -3.61 23.47
CA HIS A 257 21.54 -3.04 23.17
C HIS A 257 21.40 -1.71 22.45
N VAL A 258 20.61 -0.82 23.04
CA VAL A 258 20.15 0.39 22.36
C VAL A 258 21.01 1.58 22.78
N ARG A 259 21.29 2.46 21.84
CA ARG A 259 21.90 3.76 22.09
C ARG A 259 21.02 4.82 21.44
N ALA A 260 21.10 6.04 21.95
CA ALA A 260 20.16 7.08 21.55
C ALA A 260 20.88 8.41 21.43
N TRP A 261 20.29 9.31 20.64
CA TRP A 261 20.86 10.63 20.42
C TRP A 261 19.74 11.63 20.11
N ILE A 262 19.96 12.88 20.51
CA ILE A 262 19.16 14.03 20.09
C ILE A 262 17.68 13.80 20.35
N PRO A 263 17.21 13.92 21.60
CA PRO A 263 15.77 13.74 21.86
C PRO A 263 14.94 14.83 21.21
N ARG A 264 13.70 14.48 20.89
CA ARG A 264 12.74 15.33 20.22
C ARG A 264 11.46 15.38 21.02
N PRO A 265 10.61 16.38 20.78
CA PRO A 265 9.30 16.40 21.45
C PRO A 265 8.38 15.33 20.90
N LEU A 266 7.60 14.73 21.80
CA LEU A 266 6.66 13.67 21.43
C LEU A 266 5.53 14.22 20.58
N ARG A 267 4.85 13.33 19.88
CA ARG A 267 3.78 13.71 18.97
C ARG A 267 2.43 13.65 19.67
N ASN A 268 1.78 14.81 19.80
CA ASN A 268 0.45 14.87 20.38
C ASN A 268 -0.67 14.62 19.38
N GLN A 269 -0.39 14.72 18.08
CA GLN A 269 -1.43 14.54 17.09
C GLN A 269 -1.56 13.08 16.68
N PRO A 270 -2.76 12.65 16.27
CA PRO A 270 -2.92 11.27 15.80
C PRO A 270 -2.10 11.01 14.56
N TYR A 271 -1.59 9.78 14.46
CA TYR A 271 -0.88 9.35 13.26
C TYR A 271 -1.85 9.26 12.08
N LEU A 272 -1.31 9.51 10.88
CA LEU A 272 -2.07 9.31 9.65
C LEU A 272 -1.41 8.28 8.75
N PHE A 273 -0.19 8.55 8.27
CA PHE A 273 0.48 7.65 7.34
C PHE A 273 1.71 7.04 7.98
N LYS A 274 2.32 6.10 7.27
CA LYS A 274 3.53 5.44 7.78
C LYS A 274 4.78 6.24 7.47
N THR A 275 4.90 6.74 6.25
CA THR A 275 6.17 7.27 5.76
C THR A 275 6.40 8.73 6.11
N ASN A 276 5.37 9.47 6.48
CA ASN A 276 5.52 10.91 6.69
C ASN A 276 4.59 11.36 7.81
N PRO A 277 4.99 12.40 8.60
CA PRO A 277 4.19 12.86 9.75
C PRO A 277 3.13 13.88 9.36
N ASN A 278 2.09 13.41 8.67
CA ASN A 278 0.97 14.27 8.32
C ASN A 278 -0.05 14.29 9.44
N TYR A 279 -0.60 15.46 9.69
CA TYR A 279 -1.61 15.66 10.73
C TYR A 279 -2.84 16.28 10.10
N LYS A 280 -4.01 15.88 10.62
CA LYS A 280 -5.26 16.40 10.08
C LYS A 280 -5.45 17.83 10.56
N GLY A 281 -5.56 18.77 9.61
CA GLY A 281 -5.57 20.17 9.97
C GLY A 281 -6.84 20.62 10.67
N ASN A 282 -7.94 19.95 10.39
CA ASN A 282 -9.20 20.29 11.05
C ASN A 282 -9.39 19.57 12.38
N ASP A 283 -8.58 18.54 12.63
CA ASP A 283 -8.67 17.72 13.83
C ASP A 283 -7.71 18.16 14.92
N ILE A 284 -7.04 19.31 14.75
CA ILE A 284 -6.00 19.72 15.69
C ILE A 284 -6.55 19.68 17.10
N LYS A 285 -5.86 18.94 17.96
CA LYS A 285 -6.29 18.69 19.33
C LYS A 285 -5.39 19.42 20.29
N CYS A 286 -5.99 20.19 21.20
CA CYS A 286 -5.23 20.80 22.27
C CYS A 286 -4.65 19.73 23.17
N THR A 287 -3.35 19.84 23.46
CA THR A 287 -2.68 18.83 24.27
C THR A 287 -3.30 18.75 25.65
N SER A 288 -3.34 19.87 26.37
CA SER A 288 -3.95 19.91 27.69
C SER A 288 -5.46 19.85 27.59
N THR A 289 -6.09 19.44 28.69
CA THR A 289 -7.54 19.37 28.77
C THR A 289 -8.08 20.71 29.26
N SER A 290 -9.08 21.22 28.56
CA SER A 290 -9.60 22.56 28.86
C SER A 290 -10.41 22.56 30.16
N ARG A 291 -10.50 23.73 30.77
CA ARG A 291 -11.30 23.96 31.97
C ARG A 291 -12.04 25.28 31.82
N ASP A 292 -12.83 25.63 32.83
CA ASP A 292 -13.70 26.80 32.75
C ASP A 292 -12.93 28.10 32.94
N LYS A 293 -12.39 28.30 34.15
CA LYS A 293 -11.62 29.49 34.46
C LYS A 293 -10.27 29.09 35.05
N ILE A 294 -9.27 29.93 34.83
CA ILE A 294 -7.93 29.65 35.36
C ILE A 294 -7.80 29.98 36.83
N THR A 295 -8.79 30.63 37.43
CA THR A 295 -8.79 30.90 38.86
C THR A 295 -9.51 29.81 39.67
N THR A 296 -10.07 28.81 39.00
CA THR A 296 -10.77 27.72 39.67
C THR A 296 -10.23 26.38 39.16
N LEU A 297 -10.55 25.34 39.90
CA LEU A 297 -10.13 23.99 39.54
C LEU A 297 -11.32 23.11 39.19
N GLU B 1 36.16 -14.16 22.30
CA GLU B 1 34.98 -13.87 21.49
C GLU B 1 34.98 -12.43 21.00
N ASN B 2 35.10 -12.25 19.69
CA ASN B 2 35.02 -10.91 19.12
C ASN B 2 33.62 -10.36 19.28
N SER B 3 33.53 -9.05 19.49
CA SER B 3 32.24 -8.41 19.78
C SER B 3 31.65 -7.89 18.48
N ASN B 4 30.60 -8.55 18.01
CA ASN B 4 29.81 -8.11 16.88
C ASN B 4 28.54 -7.39 17.29
N SER B 5 28.35 -7.12 18.58
CA SER B 5 27.12 -6.51 19.05
C SER B 5 27.05 -5.06 18.59
N ALA B 6 25.96 -4.39 18.94
CA ALA B 6 25.75 -3.00 18.55
C ALA B 6 26.23 -2.01 19.61
N SER B 7 26.58 -2.47 20.80
CA SER B 7 27.06 -1.62 21.87
C SER B 7 28.58 -1.57 21.95
N GLU B 8 29.29 -2.18 20.99
CA GLU B 8 30.73 -2.35 21.12
C GLU B 8 31.47 -1.02 21.15
N GLY B 9 30.91 0.01 20.51
CA GLY B 9 31.57 1.29 20.46
C GLY B 9 31.53 2.07 21.77
N SER B 10 30.59 1.75 22.65
CA SER B 10 30.51 2.46 23.92
C SER B 10 31.64 2.03 24.85
N THR B 11 31.93 2.90 25.81
CA THR B 11 32.96 2.63 26.80
C THR B 11 32.41 1.96 28.06
N ILE B 12 31.11 1.68 28.10
CA ILE B 12 30.46 1.08 29.26
C ILE B 12 30.30 -0.42 29.00
N ASN B 13 30.70 -1.24 29.97
CA ASN B 13 30.59 -2.68 29.87
C ASN B 13 29.38 -3.18 30.68
N TYR B 14 28.74 -4.22 30.15
CA TYR B 14 27.59 -4.84 30.80
C TYR B 14 27.88 -6.30 31.07
N THR B 15 27.10 -6.86 31.98
CA THR B 15 27.16 -8.29 32.31
C THR B 15 26.01 -8.97 31.58
N THR B 16 26.35 -9.79 30.58
CA THR B 16 25.34 -10.34 29.68
C THR B 16 25.70 -11.79 29.37
N ILE B 17 24.69 -12.65 29.36
CA ILE B 17 24.87 -14.07 29.09
C ILE B 17 24.65 -14.34 27.61
N ASN B 18 25.50 -15.17 27.03
CA ASN B 18 25.41 -15.53 25.62
C ASN B 18 25.69 -17.01 25.45
N TYR B 19 24.78 -17.72 24.79
CA TYR B 19 24.93 -19.15 24.54
C TYR B 19 25.46 -19.47 23.15
N TYR B 20 25.74 -18.44 22.34
CA TYR B 20 26.11 -18.63 20.94
C TYR B 20 27.42 -17.90 20.67
N LYS B 21 27.88 -17.96 19.42
CA LYS B 21 29.12 -17.33 19.02
C LYS B 21 28.98 -15.86 18.67
N ASP B 22 27.76 -15.38 18.43
CA ASP B 22 27.52 -14.00 18.03
C ASP B 22 27.04 -13.20 19.24
N ALA B 23 27.70 -12.08 19.50
CA ALA B 23 27.39 -11.29 20.68
C ALA B 23 26.10 -10.50 20.56
N TYR B 24 25.60 -10.26 19.35
CA TYR B 24 24.34 -9.55 19.22
C TYR B 24 23.14 -10.43 19.54
N ALA B 25 23.36 -11.74 19.67
CA ALA B 25 22.30 -12.67 20.06
C ALA B 25 22.21 -12.84 21.57
N ALA B 26 23.02 -12.12 22.33
CA ALA B 26 23.01 -12.22 23.78
C ALA B 26 21.82 -11.48 24.35
N SER B 27 21.67 -11.52 25.68
CA SER B 27 20.55 -10.91 26.35
C SER B 27 20.77 -9.40 26.47
N ALA B 28 19.87 -8.71 27.16
CA ALA B 28 20.04 -7.28 27.38
C ALA B 28 21.09 -7.00 28.44
N GLY B 29 21.03 -7.70 29.56
CA GLY B 29 22.04 -7.61 30.58
C GLY B 29 21.78 -6.50 31.58
N ARG B 30 22.29 -6.71 32.80
CA ARG B 30 22.23 -5.70 33.84
C ARG B 30 23.18 -4.56 33.51
N GLN B 31 22.77 -3.35 33.87
CA GLN B 31 23.52 -2.14 33.58
C GLN B 31 24.25 -1.64 34.80
N ASP B 32 25.42 -1.04 34.57
CA ASP B 32 26.23 -0.51 35.66
C ASP B 32 25.91 0.95 35.94
N ALA B 70 37.93 38.29 26.23
CA ALA B 70 36.65 37.66 26.01
C ALA B 70 35.55 38.71 25.83
N GLN B 71 34.96 38.77 24.64
CA GLN B 71 35.31 37.86 23.55
C GLN B 71 35.66 38.62 22.28
N LEU B 72 34.71 39.40 21.77
CA LEU B 72 34.79 40.04 20.46
C LEU B 72 34.91 38.99 19.36
N THR B 73 33.79 38.27 19.18
CA THR B 73 33.74 37.15 18.26
C THR B 73 34.03 37.61 16.83
N ILE B 74 35.03 36.99 16.23
CA ILE B 74 35.45 37.28 14.86
C ILE B 74 35.66 35.94 14.17
N GLY B 75 34.86 35.67 13.13
CA GLY B 75 35.04 34.43 12.41
C GLY B 75 36.35 34.41 11.64
N ASN B 76 36.50 35.33 10.69
CA ASN B 76 37.81 35.63 10.11
C ASN B 76 38.01 37.13 10.04
N SER B 77 37.27 37.81 9.16
CA SER B 77 37.02 39.24 9.32
C SER B 77 35.51 39.43 9.36
N THR B 78 34.96 39.53 10.56
CA THR B 78 33.58 39.89 10.88
C THR B 78 33.57 40.28 12.35
N ILE B 79 32.54 41.03 12.74
CA ILE B 79 32.32 41.40 14.14
C ILE B 79 30.82 41.49 14.38
N THR B 80 30.36 40.97 15.52
CA THR B 80 29.03 41.31 16.01
C THR B 80 29.15 41.97 17.38
N THR B 81 28.02 42.49 17.87
CA THR B 81 27.95 43.13 19.17
C THR B 81 27.33 42.27 20.25
N GLN B 82 26.93 41.05 19.92
CA GLN B 82 25.98 40.31 20.77
C GLN B 82 26.55 40.04 22.15
N GLU B 83 25.80 40.45 23.16
CA GLU B 83 26.23 40.40 24.56
C GLU B 83 25.29 39.50 25.37
N ALA B 84 25.78 38.86 26.43
CA ALA B 84 27.16 38.92 26.90
C ALA B 84 27.53 37.61 27.59
N ALA B 85 28.83 37.38 27.75
CA ALA B 85 29.37 36.29 28.58
C ALA B 85 28.78 34.97 28.10
N ASN B 86 27.98 34.27 28.89
CA ASN B 86 27.55 32.92 28.55
C ASN B 86 26.60 32.92 27.36
N ILE B 87 26.93 32.10 26.37
CA ILE B 87 26.06 31.81 25.23
C ILE B 87 25.88 30.31 25.16
N VAL B 88 24.88 29.87 24.42
CA VAL B 88 24.49 28.46 24.42
C VAL B 88 25.35 27.69 23.43
N ILE B 89 26.09 26.71 23.94
CA ILE B 89 26.73 25.68 23.12
C ILE B 89 25.74 24.53 23.02
N ALA B 90 25.40 24.13 21.81
CA ALA B 90 24.41 23.07 21.63
C ALA B 90 25.03 21.74 21.98
N TYR B 91 24.43 21.05 22.96
CA TYR B 91 24.84 19.71 23.37
C TYR B 91 26.28 19.67 23.87
N GLY B 92 26.78 20.81 24.35
CA GLY B 92 28.07 20.88 25.00
C GLY B 92 29.24 20.42 24.16
N GLU B 93 29.23 20.72 22.86
CA GLU B 93 30.32 20.34 21.98
C GLU B 93 30.60 21.46 21.00
N TRP B 94 31.86 21.86 20.92
CA TRP B 94 32.30 22.86 19.94
C TRP B 94 32.46 22.22 18.57
N PRO B 95 32.17 22.96 17.50
CA PRO B 95 32.42 22.44 16.15
C PRO B 95 33.91 22.18 15.96
N GLU B 96 34.24 20.98 15.47
CA GLU B 96 35.61 20.60 15.22
C GLU B 96 35.68 19.87 13.89
N TYR B 97 36.90 19.48 13.51
CA TYR B 97 37.11 18.73 12.28
C TYR B 97 36.73 17.27 12.49
N CYS B 98 36.86 16.48 11.42
CA CYS B 98 36.50 15.08 11.46
C CYS B 98 37.69 14.26 11.94
N PRO B 99 37.53 13.46 13.00
CA PRO B 99 38.65 12.62 13.45
C PRO B 99 38.99 11.57 12.41
N ASP B 100 40.25 11.12 12.43
CA ASP B 100 40.71 10.16 11.45
C ASP B 100 40.05 8.79 11.63
N THR B 101 39.48 8.51 12.80
CA THR B 101 38.82 7.24 13.02
C THR B 101 37.44 7.18 12.39
N ASP B 102 36.77 8.31 12.28
CA ASP B 102 35.38 8.36 11.81
C ASP B 102 35.26 8.66 10.32
N ALA B 103 36.36 8.89 9.62
CA ALA B 103 36.32 9.31 8.22
C ALA B 103 36.73 8.15 7.33
N THR B 104 35.80 7.70 6.48
CA THR B 104 36.08 6.63 5.53
C THR B 104 36.54 7.14 4.16
N ALA B 105 36.46 8.45 3.91
CA ALA B 105 36.84 9.00 2.62
C ALA B 105 38.35 8.95 2.45
N VAL B 106 38.79 8.37 1.34
CA VAL B 106 40.21 8.24 1.07
C VAL B 106 40.82 9.58 0.67
N ASP B 107 40.07 10.39 -0.06
CA ASP B 107 40.59 11.66 -0.54
C ASP B 107 40.83 12.64 0.61
N LYS B 108 41.71 13.60 0.37
CA LYS B 108 42.04 14.60 1.36
C LYS B 108 41.09 15.78 1.27
N PRO B 109 40.35 16.11 2.32
CA PRO B 109 39.36 17.18 2.22
C PRO B 109 40.00 18.56 2.17
N THR B 110 39.21 19.51 1.68
CA THR B 110 39.63 20.90 1.58
C THR B 110 39.13 21.67 2.80
N ARG B 111 39.93 22.62 3.25
CA ARG B 111 39.64 23.40 4.45
C ARG B 111 39.89 24.87 4.17
N PRO B 112 39.00 25.53 3.42
CA PRO B 112 39.17 26.98 3.18
C PRO B 112 38.80 27.79 4.41
N ASP B 113 39.74 27.93 5.34
CA ASP B 113 39.43 28.47 6.66
C ASP B 113 38.85 29.89 6.57
N VAL B 114 39.56 30.79 5.89
CA VAL B 114 39.18 32.20 5.95
C VAL B 114 37.98 32.48 5.06
N SER B 115 38.01 31.97 3.83
CA SER B 115 36.97 32.32 2.86
C SER B 115 35.62 31.73 3.23
N VAL B 116 35.61 30.56 3.87
CA VAL B 116 34.36 29.91 4.23
C VAL B 116 33.78 30.51 5.50
N ASN B 117 34.52 30.46 6.59
CA ASN B 117 33.95 30.69 7.92
C ASN B 117 33.96 32.18 8.21
N ARG B 118 32.79 32.80 8.13
CA ARG B 118 32.61 34.21 8.47
C ARG B 118 31.11 34.46 8.65
N PHE B 119 30.78 35.56 9.33
CA PHE B 119 29.38 35.92 9.54
C PHE B 119 28.72 36.28 8.22
N PHE B 120 27.59 35.63 7.93
CA PHE B 120 26.77 35.90 6.76
C PHE B 120 25.42 36.43 7.22
N THR B 121 25.10 37.67 6.84
CA THR B 121 23.84 38.29 7.19
C THR B 121 22.80 37.99 6.13
N LEU B 122 21.72 37.32 6.53
CA LEU B 122 20.67 36.93 5.61
C LEU B 122 19.64 38.05 5.51
N ASP B 123 18.53 37.77 4.82
CA ASP B 123 17.50 38.79 4.63
C ASP B 123 16.77 39.07 5.94
N THR B 124 16.39 40.33 6.13
CA THR B 124 15.70 40.74 7.34
C THR B 124 14.20 40.47 7.23
N LYS B 125 13.59 40.14 8.35
CA LYS B 125 12.15 39.99 8.45
C LYS B 125 11.54 41.20 9.13
N SER B 126 10.21 41.19 9.27
CA SER B 126 9.49 42.26 9.93
C SER B 126 8.43 41.64 10.84
N TRP B 127 8.44 42.02 12.12
CA TRP B 127 7.49 41.46 13.07
C TRP B 127 6.17 42.20 12.95
N ALA B 128 5.07 41.44 12.97
CA ALA B 128 3.73 42.00 12.91
C ALA B 128 2.87 41.36 13.99
N LYS B 129 1.79 42.05 14.37
CA LYS B 129 0.93 41.54 15.44
C LYS B 129 0.21 40.27 15.03
N ASP B 130 0.04 40.05 13.74
CA ASP B 130 -0.54 38.81 13.23
C ASP B 130 0.51 37.76 12.87
N SER B 131 1.79 38.03 13.15
CA SER B 131 2.85 37.12 12.74
C SER B 131 2.73 35.79 13.47
N LYS B 132 3.32 34.76 12.86
CA LYS B 132 3.28 33.40 13.40
C LYS B 132 4.68 32.87 13.68
N GLY B 133 5.51 32.72 12.66
CA GLY B 133 6.86 32.23 12.86
C GLY B 133 7.61 32.18 11.56
N TRP B 134 8.88 31.77 11.66
CA TRP B 134 9.73 31.64 10.49
C TRP B 134 10.66 30.45 10.69
N TYR B 135 10.93 29.72 9.60
CA TYR B 135 11.83 28.59 9.67
C TYR B 135 12.83 28.63 8.52
N TRP B 136 14.10 28.44 8.85
CA TRP B 136 15.18 28.34 7.88
C TRP B 136 15.77 26.95 7.93
N LYS B 137 16.19 26.46 6.76
CA LYS B 137 16.85 25.16 6.65
C LYS B 137 18.34 25.37 6.42
N PHE B 138 19.16 24.55 7.09
CA PHE B 138 20.60 24.62 6.91
C PHE B 138 21.12 23.29 6.37
N PRO B 139 22.15 23.35 5.50
CA PRO B 139 22.76 24.55 4.96
C PRO B 139 22.13 25.00 3.65
N ASP B 140 20.80 25.20 3.65
CA ASP B 140 20.13 25.66 2.44
C ASP B 140 20.46 27.11 2.14
N VAL B 141 20.49 27.95 3.18
CA VAL B 141 20.52 29.39 2.97
C VAL B 141 21.83 29.83 2.34
N LEU B 142 22.93 29.13 2.61
CA LEU B 142 24.24 29.58 2.20
C LEU B 142 24.73 28.93 0.91
N THR B 143 23.92 28.09 0.26
CA THR B 143 24.36 27.44 -0.97
C THR B 143 24.51 28.43 -2.11
N GLU B 144 23.76 29.52 -2.10
CA GLU B 144 23.82 30.52 -3.16
C GLU B 144 24.70 31.71 -2.82
N VAL B 145 25.34 31.73 -1.65
CA VAL B 145 26.00 32.93 -1.15
C VAL B 145 27.48 32.64 -0.94
N GLY B 146 28.33 33.43 -1.57
CA GLY B 146 29.74 33.48 -1.26
C GLY B 146 30.55 32.29 -1.75
N VAL B 147 31.79 32.23 -1.27
CA VAL B 147 32.67 31.12 -1.60
C VAL B 147 32.13 29.82 -1.01
N PHE B 148 31.49 29.89 0.15
CA PHE B 148 30.89 28.70 0.74
C PHE B 148 29.85 28.09 -0.18
N GLY B 149 29.14 28.94 -0.94
CA GLY B 149 28.14 28.43 -1.86
C GLY B 149 28.74 27.78 -3.08
N GLN B 150 29.85 28.32 -3.59
CA GLN B 150 30.44 27.78 -4.79
C GLN B 150 31.25 26.52 -4.52
N ASN B 151 31.75 26.35 -3.29
CA ASN B 151 32.46 25.12 -2.97
C ASN B 151 31.49 23.96 -2.75
N ALA B 152 30.33 24.24 -2.14
CA ALA B 152 29.33 23.20 -1.97
C ALA B 152 28.80 22.70 -3.31
N GLN B 153 28.88 23.52 -4.35
CA GLN B 153 28.46 23.09 -5.67
C GLN B 153 29.53 22.23 -6.36
N PHE B 154 30.79 22.65 -6.25
CA PHE B 154 31.88 21.89 -6.85
C PHE B 154 32.19 20.60 -6.11
N HIS B 155 31.84 20.50 -4.84
CA HIS B 155 32.17 19.35 -4.02
C HIS B 155 30.94 18.51 -3.72
N TYR B 156 31.15 17.21 -3.58
CA TYR B 156 30.08 16.25 -3.31
C TYR B 156 29.74 16.20 -1.83
N LEU B 157 30.68 15.79 -0.99
CA LEU B 157 30.39 15.68 0.43
C LEU B 157 30.48 17.04 1.11
N TYR B 158 30.07 17.08 2.37
CA TYR B 158 30.03 18.32 3.14
C TYR B 158 30.12 18.02 4.62
N ARG B 159 30.88 18.84 5.36
CA ARG B 159 30.80 18.82 6.82
C ARG B 159 31.09 20.22 7.33
N SER B 160 30.28 20.71 8.26
CA SER B 160 30.60 21.97 8.93
C SER B 160 29.82 22.07 10.23
N GLY B 161 30.30 22.92 11.12
CA GLY B 161 29.51 23.44 12.20
C GLY B 161 28.98 24.82 11.86
N PHE B 162 27.95 25.24 12.58
CA PHE B 162 27.33 26.54 12.34
C PHE B 162 27.28 27.35 13.63
N CYS B 163 27.15 28.67 13.45
CA CYS B 163 26.97 29.63 14.52
C CYS B 163 25.81 30.54 14.15
N VAL B 164 24.74 30.48 14.93
CA VAL B 164 23.51 31.21 14.62
C VAL B 164 23.41 32.42 15.53
N HIS B 165 23.13 33.58 14.93
CA HIS B 165 22.94 34.82 15.67
C HIS B 165 21.62 35.45 15.22
N VAL B 166 20.68 35.56 16.16
CA VAL B 166 19.38 36.18 15.89
C VAL B 166 19.42 37.60 16.46
N GLN B 167 18.91 38.55 15.69
CA GLN B 167 19.08 39.97 15.95
C GLN B 167 17.73 40.66 15.94
N CYS B 168 17.35 41.25 17.08
CA CYS B 168 16.09 41.97 17.19
C CYS B 168 16.29 43.16 18.11
N ASN B 169 15.68 44.30 17.76
CA ASN B 169 15.85 45.54 18.50
C ASN B 169 14.51 46.21 18.75
N ALA B 170 14.29 46.65 19.99
CA ALA B 170 13.09 47.37 20.36
C ALA B 170 13.40 48.25 21.56
N SER B 171 12.59 49.30 21.74
CA SER B 171 12.82 50.24 22.80
C SER B 171 12.39 49.66 24.14
N LYS B 172 12.54 50.44 25.20
CA LYS B 172 12.16 50.00 26.53
C LYS B 172 10.65 50.05 26.74
N PHE B 173 9.90 50.70 25.85
CA PHE B 173 8.46 50.74 25.92
C PHE B 173 7.78 49.55 25.23
N HIS B 174 8.52 48.77 24.45
CA HIS B 174 7.94 47.60 23.81
C HIS B 174 7.94 46.41 24.76
N GLN B 175 7.33 45.32 24.31
CA GLN B 175 7.32 44.08 25.09
C GLN B 175 7.11 42.91 24.15
N GLY B 176 7.59 41.75 24.54
CA GLY B 176 7.43 40.56 23.72
C GLY B 176 8.48 39.52 24.05
N ALA B 177 8.29 38.35 23.45
CA ALA B 177 9.23 37.25 23.67
C ALA B 177 9.31 36.41 22.40
N LEU B 178 10.52 35.96 22.08
CA LEU B 178 10.77 35.05 20.98
C LEU B 178 11.38 33.76 21.50
N LEU B 179 11.24 32.70 20.72
CA LEU B 179 11.85 31.42 21.04
C LEU B 179 12.65 30.98 19.82
N VAL B 180 13.98 30.92 19.98
CA VAL B 180 14.89 30.54 18.90
C VAL B 180 15.38 29.13 19.21
N ALA B 181 15.00 28.17 18.38
CA ALA B 181 15.32 26.78 18.61
C ALA B 181 16.06 26.19 17.42
N VAL B 182 16.73 25.08 17.65
CA VAL B 182 17.49 24.35 16.64
C VAL B 182 17.02 22.90 16.68
N LEU B 183 16.39 22.44 15.61
CA LEU B 183 15.80 21.11 15.58
C LEU B 183 16.54 20.24 14.58
N PRO B 184 17.34 19.27 15.02
CA PRO B 184 18.00 18.38 14.06
C PRO B 184 16.98 17.53 13.32
N GLU B 185 17.12 17.47 12.00
CA GLU B 185 16.25 16.68 11.13
C GLU B 185 14.78 17.09 11.32
N TYR B 186 14.49 18.30 10.85
CA TYR B 186 13.16 18.87 11.00
C TYR B 186 12.37 18.58 9.73
N VAL B 187 11.41 17.66 9.82
CA VAL B 187 10.54 17.31 8.71
C VAL B 187 9.38 18.29 8.65
N LEU B 188 8.82 18.44 7.45
CA LEU B 188 7.68 19.32 7.23
C LEU B 188 6.47 18.47 6.86
N GLY B 189 5.50 18.37 7.76
CA GLY B 189 4.27 17.67 7.48
C GLY B 189 3.19 18.58 6.94
N THR B 190 2.26 18.00 6.21
CA THR B 190 1.16 18.74 5.61
C THR B 190 -0.12 18.52 6.42
N ILE B 191 -1.20 19.18 5.98
CA ILE B 191 -2.49 19.08 6.66
C ILE B 191 -3.34 17.94 6.12
N ALA B 192 -2.86 17.21 5.11
CA ALA B 192 -3.59 16.10 4.51
C ALA B 192 -4.96 16.55 3.99
N GLY B 193 -5.02 17.78 3.49
CA GLY B 193 -6.26 18.34 2.97
C GLY B 193 -7.27 18.73 4.02
N GLY B 194 -7.02 18.45 5.29
CA GLY B 194 -7.93 18.76 6.37
C GLY B 194 -8.94 17.67 6.67
N THR B 195 -9.26 16.82 5.71
CA THR B 195 -10.06 15.63 5.99
C THR B 195 -9.21 14.49 6.54
N GLY B 196 -7.91 14.49 6.23
CA GLY B 196 -7.02 13.45 6.68
C GLY B 196 -6.90 12.27 5.74
N ASN B 197 -7.79 12.15 4.76
CA ASN B 197 -7.78 11.00 3.86
C ASN B 197 -6.93 11.23 2.61
N GLU B 198 -6.47 12.45 2.37
CA GLU B 198 -5.66 12.76 1.20
C GLU B 198 -4.18 12.73 1.56
N ASN B 199 -3.38 12.16 0.68
CA ASN B 199 -1.93 12.08 0.86
C ASN B 199 -1.30 13.25 0.14
N SER B 200 -0.71 14.17 0.91
CA SER B 200 -0.11 15.37 0.35
C SER B 200 1.29 15.55 0.90
N HIS B 201 2.22 15.96 0.04
CA HIS B 201 3.60 16.17 0.41
C HIS B 201 3.98 17.63 0.20
N PRO B 202 4.86 18.18 1.03
CA PRO B 202 5.24 19.59 0.88
C PRO B 202 6.05 19.80 -0.38
N PRO B 203 5.83 20.90 -1.09
CA PRO B 203 6.55 21.12 -2.36
C PRO B 203 8.02 21.42 -2.15
N TYR B 204 8.74 21.61 -3.26
CA TYR B 204 10.17 21.89 -3.17
C TYR B 204 10.44 23.28 -2.59
N ALA B 205 9.56 24.24 -2.87
CA ALA B 205 9.75 25.58 -2.34
C ALA B 205 9.55 25.64 -0.84
N THR B 206 8.76 24.73 -0.29
CA THR B 206 8.52 24.70 1.16
C THR B 206 9.68 24.05 1.89
N THR B 207 10.22 22.95 1.35
CA THR B 207 11.29 22.22 2.01
C THR B 207 12.68 22.77 1.68
N GLN B 208 12.79 23.68 0.73
CA GLN B 208 14.08 24.27 0.35
C GLN B 208 13.87 25.77 0.26
N PRO B 209 13.61 26.45 1.38
CA PRO B 209 13.22 27.87 1.31
C PRO B 209 14.30 28.79 0.76
N GLY B 210 15.54 28.60 1.16
CA GLY B 210 16.60 29.52 0.79
C GLY B 210 16.83 30.57 1.86
N GLN B 211 17.57 31.61 1.48
CA GLN B 211 17.90 32.67 2.42
C GLN B 211 16.70 33.53 2.79
N VAL B 212 15.57 33.38 2.10
CA VAL B 212 14.39 34.18 2.41
C VAL B 212 13.49 33.52 3.45
N GLY B 213 13.77 32.29 3.84
CA GLY B 213 12.95 31.61 4.83
C GLY B 213 11.53 31.39 4.37
N ALA B 214 10.70 30.98 5.33
CA ALA B 214 9.28 30.77 5.08
C ALA B 214 8.54 30.89 6.40
N VAL B 215 7.22 31.07 6.29
CA VAL B 215 6.37 31.31 7.47
C VAL B 215 5.60 30.04 7.80
N LEU B 216 5.36 29.83 9.09
CA LEU B 216 4.61 28.68 9.57
C LEU B 216 3.12 28.99 9.61
N THR B 217 2.31 28.11 9.02
CA THR B 217 0.87 28.27 9.05
C THR B 217 0.20 27.66 10.28
N HIS B 218 0.91 26.79 11.01
CA HIS B 218 0.41 26.20 12.25
C HIS B 218 1.54 26.13 13.26
N PRO B 219 1.80 27.23 13.99
CA PRO B 219 2.92 27.22 14.92
C PRO B 219 2.74 26.26 16.08
N TYR B 220 1.49 25.94 16.46
CA TYR B 220 1.27 25.13 17.64
C TYR B 220 1.78 23.70 17.44
N VAL B 221 1.58 23.13 16.25
CA VAL B 221 2.10 21.82 15.92
C VAL B 221 3.43 21.90 15.17
N LEU B 222 3.95 23.10 14.94
CA LEU B 222 5.21 23.34 14.23
C LEU B 222 5.18 22.78 12.81
N ASP B 223 3.99 22.52 12.30
CA ASP B 223 3.76 21.85 11.02
C ASP B 223 4.48 20.51 10.95
N ALA B 224 4.95 19.99 12.09
CA ALA B 224 5.46 18.64 12.20
C ALA B 224 4.52 17.69 12.92
N GLY B 225 3.41 18.18 13.47
CA GLY B 225 2.61 17.39 14.38
C GLY B 225 3.18 17.26 15.78
N ILE B 226 4.11 18.12 16.16
CA ILE B 226 4.72 18.07 17.49
C ILE B 226 4.49 19.39 18.22
N PRO B 227 4.28 19.37 19.54
CA PRO B 227 3.88 20.59 20.24
C PRO B 227 4.98 21.64 20.30
N LEU B 228 4.53 22.89 20.43
CA LEU B 228 5.45 24.00 20.66
C LEU B 228 5.88 24.08 22.11
N SER B 229 5.05 23.60 23.03
CA SER B 229 5.38 23.69 24.45
C SER B 229 6.63 22.90 24.80
N GLN B 230 6.87 21.80 24.09
CA GLN B 230 8.03 20.95 24.33
C GLN B 230 9.21 21.32 23.44
N LEU B 231 9.10 22.40 22.67
CA LEU B 231 10.16 22.74 21.72
C LEU B 231 11.47 23.04 22.43
N THR B 232 11.42 23.44 23.70
CA THR B 232 12.62 23.83 24.42
C THR B 232 13.50 22.65 24.77
N VAL B 233 13.06 21.41 24.52
CA VAL B 233 13.95 20.27 24.71
C VAL B 233 15.17 20.39 23.81
N CYS B 234 14.97 20.86 22.59
CA CYS B 234 16.08 21.19 21.71
C CYS B 234 16.80 22.44 22.23
N PRO B 235 18.04 22.68 21.78
CA PRO B 235 18.73 23.90 22.19
C PRO B 235 17.92 25.14 21.85
N HIS B 236 17.81 26.04 22.82
CA HIS B 236 16.94 27.20 22.67
C HIS B 236 17.52 28.39 23.42
N GLN B 237 17.09 29.58 22.99
CA GLN B 237 17.31 30.81 23.74
C GLN B 237 16.08 31.70 23.62
N TRP B 238 15.66 32.26 24.74
CA TRP B 238 14.56 33.20 24.76
C TRP B 238 15.07 34.60 24.50
N ILE B 239 14.44 35.30 23.55
CA ILE B 239 14.70 36.72 23.33
C ILE B 239 13.54 37.48 23.95
N ASN B 240 13.80 38.15 25.07
CA ASN B 240 12.81 38.92 25.77
C ASN B 240 13.19 40.39 25.67
N LEU B 241 12.25 41.21 25.18
CA LEU B 241 12.57 42.59 24.82
C LEU B 241 12.93 43.46 26.03
N ARG B 242 12.64 43.02 27.24
CA ARG B 242 13.02 43.78 28.43
C ARG B 242 14.33 43.32 29.02
N THR B 243 15.00 42.34 28.41
CA THR B 243 16.24 41.81 28.95
C THR B 243 17.36 41.82 27.92
N ASN B 244 17.25 40.96 26.90
CA ASN B 244 18.31 40.79 25.92
C ASN B 244 17.77 40.98 24.51
N ASN B 245 18.55 41.66 23.67
CA ASN B 245 18.19 41.92 22.29
C ASN B 245 18.80 40.93 21.31
N CYS B 246 19.57 39.95 21.78
CA CYS B 246 20.30 39.07 20.88
C CYS B 246 20.26 37.64 21.40
N ALA B 247 20.57 36.70 20.51
CA ALA B 247 20.61 35.28 20.85
C ALA B 247 21.69 34.61 20.02
N THR B 248 22.40 33.68 20.63
CA THR B 248 23.50 32.98 19.97
C THR B 248 23.49 31.51 20.33
N ILE B 249 23.50 30.64 19.33
CA ILE B 249 23.50 29.20 19.52
C ILE B 249 24.62 28.61 18.68
N ILE B 250 25.58 27.96 19.33
CA ILE B 250 26.68 27.30 18.65
C ILE B 250 26.26 25.86 18.40
N VAL B 251 26.10 25.50 17.13
CA VAL B 251 25.55 24.20 16.73
C VAL B 251 26.69 23.36 16.16
N PRO B 252 26.96 22.18 16.70
CA PRO B 252 27.94 21.28 16.10
C PRO B 252 27.32 20.55 14.91
N TYR B 253 28.11 19.66 14.31
CA TYR B 253 27.65 18.88 13.18
C TYR B 253 27.01 17.60 13.70
N MET B 254 25.72 17.42 13.43
CA MET B 254 24.95 16.30 13.97
C MET B 254 24.42 15.49 12.80
N ASN B 255 24.98 14.29 12.61
CA ASN B 255 24.53 13.41 11.56
C ASN B 255 24.99 11.99 11.88
N THR B 256 24.34 11.01 11.27
CA THR B 256 24.73 9.62 11.42
C THR B 256 25.96 9.26 10.60
N VAL B 257 26.43 10.17 9.76
CA VAL B 257 27.55 9.89 8.87
C VAL B 257 28.56 11.03 8.99
N PRO B 258 29.86 10.75 8.81
CA PRO B 258 30.85 11.83 8.97
C PRO B 258 30.69 12.96 7.96
N PHE B 259 30.50 12.62 6.69
CA PHE B 259 30.25 13.59 5.64
C PHE B 259 28.88 13.36 5.03
N ASP B 260 28.27 14.45 4.58
CA ASP B 260 26.92 14.42 4.03
C ASP B 260 26.89 15.31 2.79
N SER B 261 25.83 15.16 2.00
CA SER B 261 25.68 16.00 0.82
C SER B 261 25.01 17.31 1.18
N ALA B 262 25.54 18.41 0.64
CA ALA B 262 25.04 19.74 0.99
C ALA B 262 23.74 20.07 0.26
N LEU B 263 23.59 19.60 -0.98
CA LEU B 263 22.42 19.96 -1.76
C LEU B 263 21.19 19.16 -1.36
N ASN B 264 21.32 17.84 -1.23
CA ASN B 264 20.17 16.99 -0.99
C ASN B 264 19.67 17.07 0.44
N HIS B 265 20.57 16.89 1.41
CA HIS B 265 20.18 16.66 2.79
C HIS B 265 20.33 17.92 3.62
N CYS B 266 19.23 18.36 4.23
CA CYS B 266 19.22 19.51 5.13
C CYS B 266 19.31 18.99 6.56
N ASN B 267 20.28 19.49 7.31
CA ASN B 267 20.55 18.94 8.64
C ASN B 267 19.51 19.36 9.67
N PHE B 268 19.45 20.64 10.01
CA PHE B 268 18.59 21.09 11.08
C PHE B 268 17.92 22.40 10.69
N GLY B 269 16.75 22.64 11.30
CA GLY B 269 15.99 23.84 11.07
C GLY B 269 16.21 24.87 12.17
N LEU B 270 15.83 26.11 11.86
CA LEU B 270 15.92 27.23 12.80
C LEU B 270 14.53 27.85 12.91
N LEU B 271 13.93 27.75 14.09
CA LEU B 271 12.58 28.23 14.34
C LEU B 271 12.63 29.47 15.22
N VAL B 272 12.09 30.58 14.72
CA VAL B 272 11.84 31.76 15.54
C VAL B 272 10.33 31.92 15.61
N ILE B 273 9.75 31.58 16.75
CA ILE B 273 8.31 31.65 16.97
C ILE B 273 8.05 32.58 18.15
N PRO B 274 7.38 33.71 17.97
CA PRO B 274 7.00 34.52 19.13
C PRO B 274 5.99 33.78 20.00
N VAL B 275 6.30 33.63 21.27
CA VAL B 275 5.34 33.09 22.22
C VAL B 275 4.40 34.18 22.72
N VAL B 276 4.95 35.35 23.02
CA VAL B 276 4.21 36.50 23.52
C VAL B 276 4.21 37.56 22.44
N PRO B 277 3.04 38.00 21.95
CA PRO B 277 3.03 39.00 20.88
C PRO B 277 3.56 40.35 21.34
N LEU B 278 4.39 40.95 20.50
CA LEU B 278 4.79 42.33 20.71
C LEU B 278 3.58 43.25 20.75
N ASP B 279 3.52 44.11 21.76
CA ASP B 279 2.44 45.08 21.93
C ASP B 279 3.08 46.41 22.26
N PHE B 280 2.73 47.44 21.49
CA PHE B 280 3.24 48.78 21.70
C PHE B 280 2.11 49.79 21.51
N ASN B 281 2.12 50.83 22.32
CA ASN B 281 1.11 51.88 22.17
C ASN B 281 1.37 52.68 20.89
N ALA B 282 0.30 53.33 20.42
CA ALA B 282 0.39 54.09 19.19
C ALA B 282 1.37 55.24 19.35
N GLY B 283 2.12 55.52 18.28
CA GLY B 283 3.13 56.55 18.28
C GLY B 283 4.55 56.03 18.32
N ALA B 284 4.75 54.78 18.72
CA ALA B 284 6.07 54.19 18.73
C ALA B 284 6.41 53.65 17.35
N THR B 285 7.57 52.99 17.24
CA THR B 285 8.00 52.42 15.97
C THR B 285 7.21 51.15 15.70
N SER B 286 6.49 51.12 14.58
CA SER B 286 5.64 49.99 14.26
C SER B 286 6.39 48.84 13.61
N GLU B 287 7.57 49.09 13.02
CA GLU B 287 8.31 48.08 12.29
C GLU B 287 9.48 47.62 13.16
N ILE B 288 9.41 46.38 13.63
CA ILE B 288 10.50 45.79 14.40
C ILE B 288 11.12 44.66 13.58
N PRO B 289 12.30 44.86 13.01
CA PRO B 289 12.91 43.85 12.17
C PRO B 289 13.58 42.74 12.97
N ILE B 290 13.78 41.61 12.31
CA ILE B 290 14.53 40.48 12.86
C ILE B 290 15.58 40.08 11.82
N THR B 291 16.83 39.98 12.24
CA THR B 291 17.94 39.67 11.36
C THR B 291 18.63 38.40 11.83
N VAL B 292 18.97 37.52 10.89
CA VAL B 292 19.63 36.26 11.17
C VAL B 292 21.00 36.29 10.50
N THR B 293 22.05 36.28 11.30
CA THR B 293 23.43 36.26 10.83
C THR B 293 24.07 34.97 11.29
N ILE B 294 24.41 34.10 10.34
CA ILE B 294 24.97 32.79 10.67
C ILE B 294 26.36 32.68 10.07
N ALA B 295 27.18 31.84 10.68
CA ALA B 295 28.52 31.57 10.20
C ALA B 295 28.82 30.08 10.28
N PRO B 296 29.49 29.53 9.28
CA PRO B 296 29.99 28.16 9.40
C PRO B 296 31.26 28.10 10.24
N MET B 297 31.51 26.92 10.80
CA MET B 297 32.69 26.69 11.61
C MET B 297 33.27 25.34 11.26
N CYS B 298 34.55 25.32 10.87
CA CYS B 298 35.28 24.10 10.55
C CYS B 298 34.56 23.31 9.44
N ALA B 299 34.63 23.89 8.24
CA ALA B 299 33.96 23.32 7.06
C ALA B 299 34.97 22.52 6.25
N GLU B 300 34.64 21.26 6.00
CA GLU B 300 35.46 20.36 5.19
C GLU B 300 34.66 19.92 3.98
N PHE B 301 35.30 19.96 2.82
CA PHE B 301 34.68 19.61 1.55
C PHE B 301 35.48 18.50 0.89
N ALA B 302 34.77 17.58 0.23
CA ALA B 302 35.42 16.44 -0.41
C ALA B 302 34.70 16.11 -1.71
N GLY B 303 35.33 15.27 -2.52
CA GLY B 303 34.72 14.80 -3.75
C GLY B 303 34.55 15.85 -4.82
N LEU B 304 35.65 16.47 -5.23
CA LEU B 304 35.58 17.53 -6.24
C LEU B 304 35.02 16.99 -7.55
N ARG B 305 34.16 17.78 -8.18
CA ARG B 305 33.46 17.38 -9.39
C ARG B 305 33.07 18.63 -10.17
N GLN B 306 32.26 18.44 -11.20
CA GLN B 306 31.71 19.55 -11.96
C GLN B 306 30.64 20.28 -11.16
N ALA B 307 30.36 21.52 -11.57
CA ALA B 307 29.35 22.32 -10.90
C ALA B 307 27.98 21.67 -11.01
N VAL B 308 27.31 21.55 -9.87
CA VAL B 308 25.95 21.01 -9.81
C VAL B 308 25.10 21.96 -8.99
N LYS B 309 24.07 22.54 -9.62
CA LYS B 309 23.19 23.47 -8.94
C LYS B 309 22.25 22.74 -8.00
N GLN B 310 21.35 21.95 -8.56
CA GLN B 310 20.41 21.18 -7.76
C GLN B 310 20.23 19.78 -8.33
N GLY C 1 20.22 -39.32 28.28
CA GLY C 1 21.10 -38.23 28.63
C GLY C 1 20.89 -37.71 30.04
N ILE C 2 21.06 -36.40 30.21
CA ILE C 2 20.91 -35.77 31.52
C ILE C 2 19.43 -35.80 31.91
N PRO C 3 19.08 -36.37 33.05
CA PRO C 3 17.67 -36.38 33.46
C PRO C 3 17.19 -34.97 33.80
N THR C 4 16.01 -34.62 33.30
CA THR C 4 15.47 -33.28 33.45
C THR C 4 13.95 -33.35 33.50
N GLU C 5 13.35 -32.51 34.32
CA GLU C 5 11.90 -32.39 34.42
C GLU C 5 11.50 -30.94 34.19
N LEU C 6 10.49 -30.73 33.36
CA LEU C 6 10.01 -29.40 33.06
C LEU C 6 9.12 -28.88 34.18
N LYS C 7 9.12 -27.56 34.33
CA LYS C 7 8.36 -26.87 35.36
C LYS C 7 7.36 -25.93 34.71
N PRO C 8 6.31 -25.54 35.43
CA PRO C 8 5.35 -24.57 34.88
C PRO C 8 6.05 -23.29 34.45
N GLY C 9 5.48 -22.65 33.44
CA GLY C 9 6.16 -21.58 32.74
C GLY C 9 6.87 -22.02 31.49
N THR C 10 6.74 -23.28 31.10
CA THR C 10 7.29 -23.77 29.87
C THR C 10 6.42 -23.34 28.70
N ASN C 11 7.06 -22.97 27.59
CA ASN C 11 6.37 -22.63 26.34
C ASN C 11 5.53 -21.37 26.47
N GLN C 12 5.87 -20.49 27.40
CA GLN C 12 5.21 -19.21 27.53
C GLN C 12 6.09 -18.11 26.94
N PHE C 13 5.45 -17.11 26.37
CA PHE C 13 6.15 -15.94 25.86
C PHE C 13 5.77 -14.73 26.70
N LEU C 14 6.71 -14.28 27.52
CA LEU C 14 6.55 -13.05 28.29
C LEU C 14 7.25 -11.94 27.52
N THR C 15 6.49 -10.90 27.17
CA THR C 15 7.05 -9.84 26.33
C THR C 15 8.22 -9.14 27.03
N THR C 16 8.12 -8.94 28.34
CA THR C 16 9.12 -8.17 29.06
C THR C 16 10.33 -9.02 29.42
N ASP C 17 10.19 -10.34 29.44
CA ASP C 17 11.28 -11.21 29.86
C ASP C 17 12.47 -11.10 28.93
N ASP C 18 13.67 -11.13 29.51
CA ASP C 18 14.92 -11.03 28.76
C ASP C 18 15.46 -12.43 28.52
N GLY C 19 15.43 -12.87 27.26
CA GLY C 19 15.92 -14.16 26.88
C GLY C 19 17.19 -14.08 26.06
N VAL C 20 17.50 -15.18 25.38
CA VAL C 20 18.60 -15.28 24.44
C VAL C 20 18.08 -16.00 23.20
N SER C 21 18.22 -15.38 22.04
CA SER C 21 17.73 -15.96 20.79
C SER C 21 18.90 -16.29 19.87
N ALA C 22 18.57 -16.87 18.72
CA ALA C 22 19.57 -17.38 17.78
C ALA C 22 19.91 -16.31 16.75
N PRO C 23 21.19 -16.16 16.38
CA PRO C 23 21.56 -15.13 15.41
C PRO C 23 21.13 -15.50 14.00
N ILE C 24 20.66 -14.51 13.26
CA ILE C 24 20.19 -14.74 11.90
C ILE C 24 21.33 -14.75 10.91
N LEU C 25 22.40 -13.99 11.17
CA LEU C 25 23.49 -13.79 10.21
C LEU C 25 24.84 -13.97 10.88
N PRO C 26 25.39 -15.19 10.85
CA PRO C 26 26.70 -15.44 11.46
C PRO C 26 27.79 -14.61 10.78
N GLY C 27 28.87 -14.39 11.53
CA GLY C 27 30.02 -13.67 11.01
C GLY C 27 29.78 -12.22 10.70
N PHE C 28 28.65 -11.66 11.13
CA PHE C 28 28.29 -10.30 10.80
C PHE C 28 29.04 -9.32 11.70
N HIS C 29 29.25 -8.11 11.19
CA HIS C 29 29.82 -7.02 11.97
C HIS C 29 29.07 -5.72 11.66
N PRO C 30 28.79 -4.92 12.68
CA PRO C 30 28.03 -3.68 12.45
C PRO C 30 28.89 -2.63 11.78
N THR C 31 28.20 -1.62 11.26
CA THR C 31 28.88 -0.43 10.78
C THR C 31 29.57 0.24 11.97
N PRO C 32 30.85 0.55 11.88
CA PRO C 32 31.58 1.09 13.04
C PRO C 32 30.98 2.41 13.48
N PRO C 33 30.74 2.57 14.78
CA PRO C 33 30.04 3.76 15.27
C PRO C 33 30.93 4.99 15.27
N ILE C 34 30.26 6.15 15.24
CA ILE C 34 30.96 7.43 15.28
C ILE C 34 30.41 8.25 16.43
N HIS C 35 30.91 9.47 16.60
CA HIS C 35 30.51 10.33 17.71
C HIS C 35 29.39 11.25 17.23
N ILE C 36 28.20 11.02 17.76
CA ILE C 36 27.03 11.85 17.47
C ILE C 36 26.72 12.67 18.71
N PRO C 37 26.61 14.00 18.61
CA PRO C 37 26.37 14.82 19.79
C PRO C 37 25.03 14.50 20.45
N GLY C 38 24.94 14.83 21.73
CA GLY C 38 23.67 14.74 22.45
C GLY C 38 23.20 13.34 22.73
N GLU C 39 24.05 12.50 23.31
CA GLU C 39 23.66 11.14 23.64
C GLU C 39 22.91 11.11 24.97
N VAL C 40 21.80 10.37 25.00
CA VAL C 40 20.94 10.27 26.17
C VAL C 40 21.03 8.84 26.68
N ARG C 41 21.69 8.66 27.83
CA ARG C 41 21.80 7.35 28.44
C ARG C 41 20.72 7.06 29.47
N ASN C 42 19.93 8.07 29.85
CA ASN C 42 18.86 7.89 30.82
C ASN C 42 17.79 8.93 30.56
N LEU C 43 16.52 8.58 30.83
CA LEU C 43 15.42 9.48 30.52
C LEU C 43 15.30 10.62 31.53
N LEU C 44 15.86 10.47 32.74
CA LEU C 44 15.76 11.54 33.71
C LEU C 44 16.53 12.78 33.30
N GLU C 45 17.53 12.64 32.42
CA GLU C 45 18.17 13.82 31.86
C GLU C 45 17.21 14.63 31.01
N ILE C 46 16.22 13.97 30.40
CA ILE C 46 15.23 14.69 29.60
C ILE C 46 14.18 15.34 30.49
N CYS C 47 13.79 14.67 31.58
CA CYS C 47 12.77 15.22 32.47
C CYS C 47 13.25 16.47 33.20
N ARG C 48 14.54 16.76 33.19
CA ARG C 48 15.09 17.92 33.88
C ARG C 48 15.17 19.15 33.00
N VAL C 49 14.86 19.04 31.71
CA VAL C 49 14.86 20.22 30.84
C VAL C 49 13.62 21.02 31.15
N GLU C 50 13.66 22.31 30.80
CA GLU C 50 12.62 23.26 31.18
C GLU C 50 11.71 23.51 29.97
N THR C 51 10.47 23.03 30.06
CA THR C 51 9.52 23.14 28.96
C THR C 51 8.30 23.94 29.40
N ILE C 52 7.60 24.48 28.40
CA ILE C 52 6.54 25.45 28.67
C ILE C 52 5.36 24.73 29.31
N LEU C 53 4.97 25.20 30.50
CA LEU C 53 3.77 24.75 31.15
C LEU C 53 2.62 25.65 30.72
N GLU C 54 1.45 25.06 30.48
CA GLU C 54 0.30 25.82 30.03
C GLU C 54 -0.61 26.05 31.24
N VAL C 55 -0.56 27.27 31.79
CA VAL C 55 -1.42 27.59 32.91
C VAL C 55 -2.80 28.00 32.41
N ASN C 56 -2.84 28.70 31.28
CA ASN C 56 -4.10 29.15 30.71
C ASN C 56 -4.56 28.06 29.74
N ASN C 57 -5.58 27.30 30.14
CA ASN C 57 -6.22 26.32 29.29
C ASN C 57 -7.72 26.48 29.47
N LEU C 58 -8.41 26.88 28.43
CA LEU C 58 -9.82 27.21 28.53
C LEU C 58 -10.57 26.58 27.38
N LYS C 59 -11.89 26.74 27.39
CA LYS C 59 -12.72 26.28 26.29
C LYS C 59 -12.86 27.32 25.19
N THR C 60 -12.44 28.56 25.44
CA THR C 60 -12.43 29.59 24.42
C THR C 60 -11.09 29.72 23.71
N ASN C 61 -10.06 29.00 24.17
CA ASN C 61 -8.75 29.05 23.55
C ASN C 61 -8.50 27.91 22.57
N GLU C 62 -9.47 27.01 22.40
CA GLU C 62 -9.24 25.84 21.54
C GLU C 62 -9.18 26.23 20.07
N THR C 63 -9.80 27.34 19.69
CA THR C 63 -9.75 27.79 18.30
C THR C 63 -8.41 28.44 17.96
N THR C 64 -7.79 29.10 18.92
CA THR C 64 -6.47 29.72 18.75
C THR C 64 -5.51 29.13 19.78
N PRO C 65 -4.85 28.02 19.46
CA PRO C 65 -4.06 27.31 20.47
C PRO C 65 -2.86 28.09 21.00
N MET C 66 -2.38 29.10 20.29
CA MET C 66 -1.21 29.83 20.75
C MET C 66 -1.51 30.70 21.96
N GLN C 67 -2.76 31.09 22.17
CA GLN C 67 -3.14 31.82 23.37
C GLN C 67 -3.00 30.99 24.64
N ARG C 68 -2.76 29.69 24.50
CA ARG C 68 -2.75 28.77 25.62
C ARG C 68 -1.44 28.75 26.38
N LEU C 69 -0.38 29.33 25.82
CA LEU C 69 0.94 29.27 26.42
C LEU C 69 1.23 30.43 27.37
N CYS C 70 0.37 31.43 27.44
CA CYS C 70 0.60 32.59 28.28
C CYS C 70 -0.71 33.03 28.93
N PHE C 71 -0.59 33.61 30.12
CA PHE C 71 -1.76 34.13 30.82
C PHE C 71 -1.55 35.61 31.16
N PRO C 72 -2.58 36.42 31.04
CA PRO C 72 -2.40 37.88 31.13
C PRO C 72 -2.22 38.38 32.55
N VAL C 73 -1.59 39.54 32.65
CA VAL C 73 -1.43 40.28 33.91
C VAL C 73 -1.69 41.75 33.62
N SER C 74 -2.63 42.34 34.36
CA SER C 74 -3.05 43.71 34.10
C SER C 74 -3.16 44.47 35.41
N VAL C 75 -3.25 45.81 35.30
CA VAL C 75 -3.46 46.65 36.46
C VAL C 75 -4.85 46.38 37.03
N GLN C 76 -4.93 46.33 38.36
CA GLN C 76 -6.15 45.95 39.06
C GLN C 76 -6.69 47.10 39.88
N SER C 77 -8.02 47.14 40.00
CA SER C 77 -8.65 48.14 40.86
C SER C 77 -8.58 47.72 42.32
N LYS C 78 -8.81 46.44 42.61
CA LYS C 78 -8.72 45.89 43.96
C LYS C 78 -7.40 45.14 44.11
N THR C 79 -6.82 45.23 45.30
CA THR C 79 -5.53 44.62 45.57
C THR C 79 -5.72 43.22 46.18
N GLY C 80 -4.84 42.30 45.78
CA GLY C 80 -4.91 40.94 46.26
C GLY C 80 -5.73 40.00 45.42
N GLU C 81 -6.03 40.37 44.17
CA GLU C 81 -6.86 39.53 43.33
C GLU C 81 -6.09 38.30 42.86
N LEU C 82 -6.78 37.18 42.78
CA LEU C 82 -6.18 35.94 42.32
C LEU C 82 -5.99 35.97 40.81
N CYS C 83 -4.82 35.52 40.35
CA CYS C 83 -4.51 35.49 38.93
C CYS C 83 -4.64 34.08 38.35
N ALA C 84 -3.83 33.14 38.82
CA ALA C 84 -3.83 31.79 38.30
C ALA C 84 -3.71 30.78 39.42
N ALA C 85 -4.40 29.65 39.28
CA ALA C 85 -4.33 28.54 40.21
C ALA C 85 -4.42 27.23 39.43
N PHE C 86 -3.57 26.27 39.78
CA PHE C 86 -3.60 24.97 39.13
C PHE C 86 -2.97 23.93 40.06
N ARG C 87 -3.28 22.67 39.78
CA ARG C 87 -2.76 21.58 40.60
C ARG C 87 -1.31 21.27 40.23
N ALA C 88 -0.59 20.72 41.20
CA ALA C 88 0.84 20.46 41.06
C ALA C 88 1.15 19.03 40.64
N ASP C 89 0.15 18.19 40.43
CA ASP C 89 0.41 16.80 40.08
C ASP C 89 0.75 16.70 38.60
N PRO C 90 1.98 16.31 38.26
CA PRO C 90 2.38 16.32 36.83
C PRO C 90 1.69 15.26 36.00
N GLY C 91 1.33 14.13 36.57
CA GLY C 91 0.76 13.05 35.78
C GLY C 91 -0.74 13.09 35.67
N ARG C 92 -1.33 14.27 35.88
CA ARG C 92 -2.77 14.43 35.92
C ARG C 92 -3.22 15.31 34.76
N ASP C 93 -4.42 15.04 34.27
CA ASP C 93 -4.98 15.83 33.17
C ASP C 93 -5.09 17.29 33.58
N GLY C 94 -4.50 18.16 32.77
CA GLY C 94 -4.46 19.57 33.10
C GLY C 94 -3.28 20.29 32.49
N PRO C 95 -2.86 21.36 33.14
CA PRO C 95 -1.72 22.15 32.66
C PRO C 95 -0.47 21.34 32.38
N TRP C 96 -0.25 20.24 33.10
CA TRP C 96 1.02 19.52 33.07
C TRP C 96 1.15 18.59 31.87
N GLN C 97 0.12 18.48 31.02
CA GLN C 97 0.21 17.60 29.87
C GLN C 97 1.09 18.16 28.77
N SER C 98 1.32 19.47 28.74
CA SER C 98 2.17 20.07 27.73
C SER C 98 3.65 19.97 28.07
N THR C 99 4.00 19.50 29.27
CA THR C 99 5.38 19.41 29.70
C THR C 99 5.96 18.06 29.31
N ILE C 100 7.22 18.08 28.85
CA ILE C 100 7.89 16.82 28.51
C ILE C 100 7.98 15.92 29.72
N LEU C 101 8.00 16.51 30.92
CA LEU C 101 7.92 15.71 32.14
C LEU C 101 6.56 15.04 32.25
N GLY C 102 5.50 15.73 31.83
CA GLY C 102 4.18 15.15 31.92
C GLY C 102 3.97 13.98 30.97
N GLN C 103 4.53 14.07 29.77
CA GLN C 103 4.37 13.00 28.80
C GLN C 103 5.25 11.80 29.13
N LEU C 104 6.37 12.03 29.81
CA LEU C 104 7.22 10.95 30.28
C LEU C 104 6.80 10.41 31.65
N CYS C 105 5.92 11.10 32.37
CA CYS C 105 5.30 10.54 33.56
C CYS C 105 4.04 9.74 33.24
N ARG C 106 3.63 9.70 31.97
CA ARG C 106 2.54 8.81 31.58
C ARG C 106 3.04 7.38 31.38
N TYR C 107 4.29 7.21 30.97
CA TYR C 107 4.88 5.89 30.81
C TYR C 107 5.25 5.25 32.14
N TYR C 108 5.20 6.00 33.24
CA TYR C 108 5.55 5.49 34.55
C TYR C 108 4.43 5.80 35.53
N THR C 109 4.07 4.83 36.36
CA THR C 109 2.96 5.00 37.29
C THR C 109 3.37 5.85 38.50
N GLN C 110 4.28 5.34 39.31
CA GLN C 110 4.66 6.00 40.55
C GLN C 110 5.80 6.98 40.31
N TRP C 111 5.76 8.12 41.00
CA TRP C 111 6.79 9.13 40.87
C TRP C 111 7.04 9.78 42.21
N SER C 112 8.31 10.07 42.50
CA SER C 112 8.69 10.76 43.73
C SER C 112 9.83 11.72 43.44
N GLY C 113 9.70 12.93 43.95
CA GLY C 113 10.74 13.93 43.82
C GLY C 113 10.18 15.33 43.97
N SER C 114 11.09 16.28 44.04
CA SER C 114 10.75 17.69 44.13
C SER C 114 10.75 18.30 42.74
N LEU C 115 9.68 19.01 42.39
CA LEU C 115 9.56 19.62 41.09
C LEU C 115 9.98 21.08 41.16
N GLU C 116 9.96 21.76 40.01
CA GLU C 116 10.24 23.18 39.96
C GLU C 116 9.38 23.80 38.87
N VAL C 117 8.86 25.00 39.17
CA VAL C 117 7.99 25.74 38.26
C VAL C 117 8.57 27.13 38.12
N THR C 118 9.02 27.47 36.92
CA THR C 118 9.67 28.74 36.65
C THR C 118 8.74 29.64 35.85
N PHE C 119 8.71 30.92 36.21
CA PHE C 119 7.88 31.91 35.54
C PHE C 119 8.76 32.96 34.88
N MET C 120 8.27 33.51 33.77
CA MET C 120 9.03 34.46 32.96
C MET C 120 8.12 35.61 32.57
N PHE C 121 8.58 36.84 32.78
CA PHE C 121 7.78 38.04 32.55
C PHE C 121 8.16 38.63 31.20
N ALA C 122 7.21 38.62 30.27
CA ALA C 122 7.43 39.09 28.91
C ALA C 122 7.04 40.55 28.71
N GLY C 123 6.67 41.25 29.77
CA GLY C 123 6.21 42.62 29.65
C GLY C 123 7.35 43.57 29.33
N SER C 124 7.05 44.86 29.49
CA SER C 124 7.99 45.89 29.08
C SER C 124 9.07 46.09 30.14
N PHE C 125 10.03 46.96 29.83
CA PHE C 125 11.10 47.28 30.76
C PHE C 125 10.66 48.28 31.83
N MET C 126 9.65 49.09 31.54
CA MET C 126 9.16 50.09 32.47
C MET C 126 8.07 49.55 33.40
N ALA C 127 7.73 48.27 33.29
CA ALA C 127 6.70 47.69 34.13
C ALA C 127 7.28 47.26 35.46
N THR C 128 6.62 47.64 36.55
CA THR C 128 7.07 47.31 37.89
C THR C 128 5.92 46.71 38.69
N GLY C 129 6.27 45.76 39.55
CA GLY C 129 5.29 45.14 40.41
C GLY C 129 5.84 43.88 41.04
N LYS C 130 5.13 43.40 42.06
CA LYS C 130 5.51 42.20 42.77
C LYS C 130 4.28 41.32 42.97
N MET C 131 4.45 40.02 42.77
CA MET C 131 3.35 39.08 42.92
C MET C 131 3.78 37.92 43.82
N LEU C 132 2.84 37.43 44.62
CA LEU C 132 3.10 36.33 45.53
C LEU C 132 2.82 35.01 44.82
N ILE C 133 3.72 34.05 44.98
CA ILE C 133 3.61 32.74 44.35
C ILE C 133 3.68 31.69 45.44
N ALA C 134 2.60 30.96 45.65
CA ALA C 134 2.45 30.10 46.82
C ALA C 134 2.18 28.65 46.42
N TYR C 135 2.41 27.76 47.37
CA TYR C 135 2.13 26.34 47.25
C TYR C 135 1.43 25.86 48.50
N THR C 136 0.27 25.24 48.34
CA THR C 136 -0.56 24.80 49.45
C THR C 136 -0.51 23.29 49.56
N PRO C 137 -0.12 22.73 50.70
CA PRO C 137 -0.14 21.28 50.89
C PRO C 137 -1.55 20.74 50.76
N PRO C 138 -1.70 19.45 50.50
CA PRO C 138 -3.02 18.89 50.21
C PRO C 138 -3.97 19.04 51.40
N GLY C 139 -5.26 18.86 51.10
CA GLY C 139 -6.32 18.89 52.08
C GLY C 139 -7.18 20.12 52.05
N GLY C 140 -6.71 21.22 51.45
CA GLY C 140 -7.48 22.41 51.27
C GLY C 140 -7.95 22.58 49.84
N SER C 141 -8.85 23.54 49.65
CA SER C 141 -9.28 23.97 48.34
C SER C 141 -8.40 25.13 47.89
N VAL C 142 -8.77 25.79 46.79
CA VAL C 142 -8.06 27.01 46.41
C VAL C 142 -8.26 28.05 47.50
N PRO C 143 -7.20 28.65 48.03
CA PRO C 143 -7.37 29.64 49.11
C PRO C 143 -8.28 30.78 48.67
N ALA C 144 -9.23 31.12 49.54
CA ALA C 144 -10.24 32.13 49.18
C ALA C 144 -9.61 33.49 48.95
N ASP C 145 -8.75 33.93 49.85
CA ASP C 145 -8.05 35.20 49.72
C ASP C 145 -6.58 34.99 50.02
N ARG C 146 -5.80 36.08 49.92
CA ARG C 146 -4.36 35.98 50.05
C ARG C 146 -3.94 35.70 51.49
N ILE C 147 -4.77 36.08 52.46
CA ILE C 147 -4.40 35.91 53.86
C ILE C 147 -4.36 34.42 54.23
N THR C 148 -5.07 33.58 53.48
CA THR C 148 -4.97 32.14 53.65
C THR C 148 -3.91 31.49 52.78
N ALA C 149 -3.41 32.20 51.77
CA ALA C 149 -2.38 31.65 50.89
C ALA C 149 -0.98 31.94 51.36
N MET C 150 -0.80 32.84 52.32
CA MET C 150 0.48 33.13 52.92
C MET C 150 0.97 32.01 53.84
N LEU C 151 0.05 31.20 54.36
CA LEU C 151 0.40 30.20 55.37
C LEU C 151 1.11 28.99 54.79
N GLY C 152 1.20 28.87 53.47
CA GLY C 152 1.91 27.80 52.83
C GLY C 152 3.38 28.14 52.63
N THR C 153 3.96 27.58 51.56
CA THR C 153 5.31 27.93 51.17
C THR C 153 5.23 28.88 49.98
N HIS C 154 5.56 30.15 50.20
CA HIS C 154 5.38 31.16 49.16
C HIS C 154 6.72 31.86 48.90
N VAL C 155 6.79 32.52 47.76
CA VAL C 155 7.94 33.32 47.36
C VAL C 155 7.45 34.65 46.83
N ILE C 156 8.16 35.71 47.17
CA ILE C 156 7.85 37.06 46.68
C ILE C 156 8.81 37.40 45.57
N TRP C 157 8.26 37.79 44.41
CA TRP C 157 9.07 37.97 43.21
C TRP C 157 8.69 39.26 42.50
N ASP C 158 9.72 40.01 42.10
CA ASP C 158 9.59 41.37 41.61
C ASP C 158 9.83 41.41 40.11
N PHE C 159 9.01 42.18 39.41
CA PHE C 159 9.13 42.29 37.95
C PHE C 159 10.31 43.16 37.56
N GLY C 160 10.41 44.36 38.16
CA GLY C 160 11.40 45.33 37.75
C GLY C 160 12.83 44.91 37.98
N LEU C 161 13.05 43.90 38.82
CA LEU C 161 14.40 43.45 39.09
C LEU C 161 14.70 42.15 38.34
N GLN C 162 14.10 41.05 38.80
CA GLN C 162 14.31 39.74 38.19
C GLN C 162 13.24 39.47 37.15
N SER C 163 13.66 38.98 35.99
CA SER C 163 12.74 38.61 34.93
C SER C 163 12.34 37.15 34.98
N SER C 164 12.84 36.39 35.95
CA SER C 164 12.50 34.98 36.09
C SER C 164 12.60 34.58 37.56
N VAL C 165 11.75 33.63 37.95
CA VAL C 165 11.72 33.13 39.33
C VAL C 165 11.60 31.62 39.28
N THR C 166 12.29 30.94 40.19
CA THR C 166 12.25 29.49 40.28
C THR C 166 11.59 29.11 41.60
N LEU C 167 10.38 28.57 41.52
CA LEU C 167 9.69 28.06 42.69
C LEU C 167 9.94 26.56 42.79
N VAL C 168 10.44 26.14 43.94
CA VAL C 168 10.76 24.73 44.18
C VAL C 168 9.62 24.14 45.00
N VAL C 169 8.83 23.28 44.38
CA VAL C 169 7.76 22.59 45.08
C VAL C 169 8.42 21.51 45.93
N PRO C 170 8.38 21.61 47.26
CA PRO C 170 9.01 20.59 48.09
C PRO C 170 8.25 19.28 47.98
N TRP C 171 8.91 18.21 48.42
CA TRP C 171 8.27 16.90 48.47
C TRP C 171 7.67 16.73 49.85
N ILE C 172 6.34 16.79 49.92
CA ILE C 172 5.60 16.55 51.15
C ILE C 172 4.66 15.40 50.87
N SER C 173 4.91 14.26 51.49
CA SER C 173 4.12 13.08 51.18
C SER C 173 4.09 12.17 52.40
N ASN C 174 2.98 11.45 52.52
CA ASN C 174 2.85 10.40 53.51
C ASN C 174 3.38 9.06 53.01
N THR C 175 3.93 9.03 51.80
CA THR C 175 4.50 7.82 51.22
C THR C 175 5.83 8.16 50.56
N HIS C 176 6.70 7.15 50.45
CA HIS C 176 7.98 7.35 49.77
C HIS C 176 7.78 7.67 48.30
N TYR C 177 6.85 6.99 47.65
CA TYR C 177 6.48 7.24 46.26
C TYR C 177 5.07 7.79 46.20
N ARG C 178 4.64 8.15 44.99
CA ARG C 178 3.30 8.67 44.78
C ARG C 178 2.82 8.23 43.41
N ALA C 179 1.57 7.76 43.34
CA ALA C 179 0.98 7.40 42.06
C ALA C 179 0.29 8.62 41.46
N HIS C 180 -0.31 8.43 40.28
CA HIS C 180 -0.94 9.55 39.61
C HIS C 180 -2.36 9.77 40.12
N ALA C 181 -2.60 10.95 40.67
CA ALA C 181 -3.89 11.28 41.24
C ALA C 181 -4.90 11.60 40.15
N ARG C 182 -6.15 11.24 40.40
CA ARG C 182 -7.25 11.54 39.50
C ARG C 182 -8.51 11.66 40.31
N ALA C 183 -9.64 11.79 39.61
CA ALA C 183 -10.91 11.98 40.29
C ALA C 183 -11.30 10.72 41.06
N GLY C 184 -12.20 10.90 42.02
CA GLY C 184 -12.68 9.78 42.80
C GLY C 184 -11.69 9.24 43.81
N TYR C 185 -11.48 7.92 43.77
CA TYR C 185 -10.83 7.23 44.88
C TYR C 185 -9.32 7.44 44.90
N PHE C 186 -8.69 7.70 43.75
CA PHE C 186 -7.24 7.84 43.73
C PHE C 186 -6.76 9.25 44.06
N ASP C 187 -7.66 10.17 44.42
CA ASP C 187 -7.26 11.55 44.67
C ASP C 187 -6.46 11.70 45.95
N TYR C 188 -6.27 10.62 46.72
CA TYR C 188 -5.52 10.69 47.96
C TYR C 188 -4.04 10.97 47.72
N TYR C 189 -3.60 10.94 46.47
CA TYR C 189 -2.24 11.29 46.06
C TYR C 189 -2.10 12.73 45.63
N THR C 190 -3.16 13.54 45.80
CA THR C 190 -3.13 14.93 45.36
C THR C 190 -1.91 15.66 45.89
N THR C 191 -1.21 16.35 44.99
CA THR C 191 0.06 16.98 45.36
C THR C 191 -0.15 18.32 46.07
N GLY C 192 -1.06 19.14 45.56
CA GLY C 192 -1.28 20.45 46.14
C GLY C 192 -1.89 21.39 45.11
N ILE C 193 -1.81 22.67 45.43
CA ILE C 193 -2.37 23.73 44.58
C ILE C 193 -1.36 24.87 44.52
N ILE C 194 -0.99 25.27 43.30
CA ILE C 194 -0.05 26.36 43.08
C ILE C 194 -0.85 27.58 42.64
N THR C 195 -0.76 28.67 43.41
CA THR C 195 -1.49 29.89 43.13
C THR C 195 -0.53 31.06 42.91
N ILE C 196 -1.01 32.06 42.18
CA ILE C 196 -0.27 33.28 41.93
C ILE C 196 -1.18 34.45 42.27
N TRP C 197 -0.69 35.34 43.15
CA TRP C 197 -1.48 36.43 43.69
C TRP C 197 -0.80 37.76 43.39
N TYR C 198 -1.59 38.78 43.07
CA TYR C 198 -1.07 40.14 43.08
C TYR C 198 -0.79 40.56 44.50
N GLN C 199 0.44 40.98 44.79
CA GLN C 199 0.74 41.45 46.13
C GLN C 199 0.52 42.95 46.20
N THR C 200 1.30 43.71 45.44
CA THR C 200 1.09 45.14 45.40
C THR C 200 0.13 45.51 44.26
N ASN C 201 0.64 45.50 43.03
CA ASN C 201 -0.12 45.84 41.84
C ASN C 201 0.87 45.83 40.68
N TYR C 202 0.34 45.90 39.47
CA TYR C 202 1.14 46.02 38.26
C TYR C 202 1.08 47.48 37.82
N VAL C 203 2.20 48.18 37.96
CA VAL C 203 2.27 49.63 37.76
C VAL C 203 2.94 49.91 36.43
N VAL C 204 2.30 50.74 35.61
CA VAL C 204 2.78 51.06 34.27
C VAL C 204 2.87 52.57 34.13
N PRO C 205 3.90 53.10 33.47
CA PRO C 205 3.96 54.55 33.24
C PRO C 205 3.17 54.98 32.02
N ILE C 206 3.29 56.26 31.65
CA ILE C 206 2.61 56.76 30.47
C ILE C 206 3.34 56.28 29.23
N GLY C 207 2.61 55.66 28.31
CA GLY C 207 3.14 55.17 27.06
C GLY C 207 3.43 53.69 27.02
N ALA C 208 3.61 53.05 28.16
CA ALA C 208 3.83 51.61 28.10
C ALA C 208 2.50 50.87 28.16
N PRO C 209 2.43 49.68 27.57
CA PRO C 209 1.17 48.93 27.56
C PRO C 209 0.70 48.60 28.97
N THR C 210 -0.62 48.58 29.14
CA THR C 210 -1.23 48.29 30.44
C THR C 210 -1.48 46.80 30.66
N THR C 211 -1.08 45.95 29.72
CA THR C 211 -1.23 44.51 29.86
C THR C 211 0.13 43.85 29.72
N ALA C 212 0.24 42.63 30.25
CA ALA C 212 1.48 41.88 30.22
C ALA C 212 1.16 40.39 30.23
N TYR C 213 2.11 39.60 29.74
CA TYR C 213 1.93 38.17 29.63
C TYR C 213 3.10 37.45 30.30
N ILE C 214 2.79 36.46 31.12
CA ILE C 214 3.78 35.65 31.81
C ILE C 214 3.75 34.24 31.24
N VAL C 215 4.92 33.70 30.95
CA VAL C 215 5.06 32.34 30.42
C VAL C 215 5.53 31.43 31.56
N ALA C 216 4.84 30.31 31.72
CA ALA C 216 5.18 29.34 32.76
C ALA C 216 6.09 28.27 32.21
N LEU C 217 7.05 27.85 33.03
CA LEU C 217 8.02 26.84 32.66
C LEU C 217 8.18 25.87 33.83
N ALA C 218 8.27 24.58 33.52
CA ALA C 218 8.35 23.55 34.55
C ALA C 218 9.42 22.54 34.19
N ALA C 219 10.03 21.98 35.24
CA ALA C 219 11.09 20.99 35.09
C ALA C 219 11.13 20.16 36.37
N ALA C 220 12.15 19.31 36.48
CA ALA C 220 12.33 18.46 37.65
C ALA C 220 13.71 18.70 38.25
N GLN C 221 13.83 18.35 39.53
CA GLN C 221 15.09 18.52 40.25
C GLN C 221 15.96 17.28 40.08
N ASP C 222 17.04 17.21 40.86
CA ASP C 222 18.00 16.12 40.72
C ASP C 222 17.47 14.82 41.30
N ASN C 223 16.64 14.90 42.33
CA ASN C 223 16.17 13.72 43.05
C ASN C 223 14.89 13.14 42.50
N PHE C 224 14.38 13.66 41.38
CA PHE C 224 13.12 13.17 40.83
C PHE C 224 13.32 11.79 40.23
N THR C 225 12.45 10.85 40.61
CA THR C 225 12.55 9.46 40.15
C THR C 225 11.18 8.96 39.71
N MET C 226 11.20 7.87 38.96
CA MET C 226 9.99 7.23 38.47
C MET C 226 10.18 5.72 38.45
N LYS C 227 9.08 4.98 38.36
CA LYS C 227 9.13 3.52 38.38
C LYS C 227 7.81 2.96 37.85
N LEU C 228 7.76 1.63 37.75
CA LEU C 228 6.57 0.89 37.33
C LEU C 228 6.09 1.36 35.95
N CYS C 229 6.85 0.96 34.93
CA CYS C 229 6.58 1.40 33.56
C CYS C 229 5.20 0.93 33.12
N LYS C 230 4.58 1.71 32.24
CA LYS C 230 3.16 1.59 31.98
C LYS C 230 2.82 2.09 30.58
N ASP C 231 1.70 1.63 30.05
CA ASP C 231 1.14 2.21 28.83
C ASP C 231 0.68 3.64 29.08
N THR C 232 0.51 4.39 28.00
CA THR C 232 0.12 5.79 28.12
C THR C 232 -1.32 5.99 27.67
N GLU C 233 -2.00 6.96 28.27
CA GLU C 233 -3.38 7.30 27.97
C GLU C 233 -3.54 8.17 26.73
N ASP C 234 -2.51 8.89 26.32
CA ASP C 234 -2.72 9.98 25.36
C ASP C 234 -2.92 9.48 23.94
N ILE C 235 -2.07 8.57 23.48
CA ILE C 235 -2.05 8.16 22.09
C ILE C 235 -3.20 7.19 21.84
N GLU C 236 -3.89 7.38 20.72
CA GLU C 236 -5.09 6.62 20.40
C GLU C 236 -5.05 6.22 18.93
N GLN C 237 -5.13 4.92 18.67
CA GLN C 237 -5.23 4.42 17.30
C GLN C 237 -6.60 3.77 17.13
N THR C 238 -7.48 4.44 16.40
CA THR C 238 -8.81 3.91 16.12
C THR C 238 -8.90 3.21 14.77
N ALA C 239 -7.87 3.34 13.92
CA ALA C 239 -7.94 2.80 12.57
C ALA C 239 -6.53 2.48 12.10
N ASN C 240 -6.45 1.64 11.07
CA ASN C 240 -5.16 1.20 10.56
C ASN C 240 -4.43 2.38 9.91
N ILE C 241 -3.13 2.44 10.15
CA ILE C 241 -2.28 3.48 9.55
C ILE C 241 -1.96 3.08 8.13
N GLN C 242 -2.36 3.91 7.16
CA GLN C 242 -2.16 3.60 5.76
C GLN C 242 -0.94 4.32 5.19
N ASP D 1 -0.98 -27.14 -11.57
CA ASP D 1 -2.30 -26.72 -12.02
C ASP D 1 -3.26 -27.91 -12.05
N ILE D 2 -4.38 -27.77 -11.33
CA ILE D 2 -5.36 -28.84 -11.23
C ILE D 2 -6.11 -28.95 -12.54
N GLN D 3 -6.32 -30.17 -13.02
CA GLN D 3 -7.09 -30.42 -14.22
C GLN D 3 -8.35 -31.21 -13.87
N MET D 4 -9.39 -31.02 -14.68
CA MET D 4 -10.65 -31.73 -14.50
C MET D 4 -11.10 -32.37 -15.81
N THR D 5 -11.69 -33.55 -15.68
CA THR D 5 -12.20 -34.30 -16.81
C THR D 5 -13.63 -34.71 -16.53
N GLN D 6 -14.51 -34.51 -17.50
CA GLN D 6 -15.92 -34.86 -17.39
C GLN D 6 -16.23 -36.10 -18.23
N SER D 7 -17.17 -36.89 -17.74
CA SER D 7 -17.66 -38.03 -18.49
C SER D 7 -19.18 -38.13 -18.40
N PRO D 8 -19.84 -38.48 -19.52
CA PRO D 8 -19.22 -38.68 -20.82
C PRO D 8 -19.04 -37.38 -21.60
N ALA D 9 -18.47 -37.48 -22.81
CA ALA D 9 -18.28 -36.30 -23.63
C ALA D 9 -19.59 -35.88 -24.30
N SER D 10 -20.33 -36.84 -24.86
CA SER D 10 -21.61 -36.58 -25.49
C SER D 10 -22.62 -37.58 -24.96
N LEU D 11 -23.66 -37.09 -24.29
CA LEU D 11 -24.70 -37.92 -23.72
C LEU D 11 -26.01 -37.60 -24.43
N SER D 12 -26.55 -38.57 -25.17
CA SER D 12 -27.79 -38.42 -25.88
C SER D 12 -28.91 -39.07 -25.09
N VAL D 13 -29.94 -38.29 -24.75
CA VAL D 13 -31.05 -38.78 -23.95
C VAL D 13 -32.32 -38.04 -24.36
N SER D 14 -33.44 -38.75 -24.33
CA SER D 14 -34.73 -38.17 -24.68
C SER D 14 -35.27 -37.39 -23.48
N VAL D 15 -36.49 -36.89 -23.60
CA VAL D 15 -37.11 -36.09 -22.55
C VAL D 15 -37.75 -37.00 -21.53
N GLY D 16 -37.53 -36.71 -20.24
CA GLY D 16 -38.17 -37.43 -19.17
C GLY D 16 -37.31 -38.44 -18.45
N GLU D 17 -36.00 -38.46 -18.69
CA GLU D 17 -35.11 -39.42 -18.05
C GLU D 17 -34.07 -38.68 -17.20
N THR D 18 -33.55 -39.39 -16.21
CA THR D 18 -32.54 -38.83 -15.32
C THR D 18 -31.16 -38.90 -15.98
N VAL D 19 -30.38 -37.84 -15.79
CA VAL D 19 -29.05 -37.74 -16.38
C VAL D 19 -28.06 -37.41 -15.27
N THR D 20 -27.00 -38.20 -15.16
CA THR D 20 -25.96 -37.99 -14.16
C THR D 20 -24.63 -37.78 -14.87
N ILE D 21 -24.08 -36.57 -14.74
CA ILE D 21 -22.78 -36.24 -15.29
C ILE D 21 -21.80 -36.03 -14.13
N THR D 22 -20.53 -36.32 -14.38
CA THR D 22 -19.52 -36.32 -13.35
C THR D 22 -18.38 -35.37 -13.70
N CYS D 23 -17.68 -34.93 -12.65
CA CYS D 23 -16.51 -34.07 -12.79
C CYS D 23 -15.49 -34.54 -11.76
N ARG D 24 -14.25 -34.74 -12.19
CA ARG D 24 -13.20 -35.26 -11.32
C ARG D 24 -12.02 -34.32 -11.32
N ALA D 25 -11.49 -34.05 -10.13
CA ALA D 25 -10.33 -33.18 -9.96
C ALA D 25 -9.13 -33.99 -9.52
N SER D 26 -7.94 -33.54 -9.94
CA SER D 26 -6.71 -34.23 -9.57
C SER D 26 -6.37 -34.06 -8.09
N GLU D 27 -6.78 -32.95 -7.48
CA GLU D 27 -6.53 -32.67 -6.07
C GLU D 27 -7.86 -32.46 -5.37
N ASN D 28 -7.86 -32.55 -4.05
CA ASN D 28 -9.10 -32.51 -3.29
C ASN D 28 -9.37 -31.08 -2.83
N ILE D 29 -10.35 -30.45 -3.46
CA ILE D 29 -10.71 -29.06 -3.18
C ILE D 29 -11.70 -28.95 -2.02
N TYR D 30 -12.72 -29.82 -2.01
CA TYR D 30 -13.76 -29.97 -1.00
C TYR D 30 -14.80 -28.84 -1.01
N SER D 31 -14.40 -27.64 -1.40
CA SER D 31 -15.27 -26.49 -1.21
C SER D 31 -15.90 -25.91 -2.46
N ASN D 32 -15.51 -26.36 -3.64
CA ASN D 32 -15.64 -25.52 -4.82
C ASN D 32 -16.16 -26.33 -6.00
N LEU D 33 -17.35 -25.99 -6.48
CA LEU D 33 -17.83 -26.56 -7.72
C LEU D 33 -18.82 -25.59 -8.35
N ALA D 34 -18.77 -25.46 -9.67
CA ALA D 34 -19.72 -24.64 -10.40
C ALA D 34 -20.09 -25.35 -11.69
N TRP D 35 -21.39 -25.59 -11.89
CA TRP D 35 -21.89 -26.19 -13.12
C TRP D 35 -22.55 -25.12 -13.97
N TYR D 36 -22.21 -25.10 -15.26
CA TYR D 36 -22.71 -24.10 -16.19
C TYR D 36 -23.55 -24.75 -17.27
N GLN D 37 -24.43 -23.94 -17.87
CA GLN D 37 -25.22 -24.36 -19.02
C GLN D 37 -25.06 -23.29 -20.11
N GLN D 38 -24.44 -23.67 -21.22
CA GLN D 38 -24.26 -22.79 -22.36
C GLN D 38 -25.06 -23.33 -23.53
N LYS D 39 -26.10 -22.59 -23.92
CA LYS D 39 -26.86 -22.96 -25.11
C LYS D 39 -26.05 -22.62 -26.36
N GLN D 40 -26.62 -22.91 -27.52
CA GLN D 40 -25.91 -22.67 -28.77
C GLN D 40 -25.89 -21.18 -29.08
N GLY D 41 -24.68 -20.63 -29.24
CA GLY D 41 -24.53 -19.22 -29.51
C GLY D 41 -24.99 -18.31 -28.40
N LYS D 42 -24.94 -18.76 -27.15
CA LYS D 42 -25.37 -17.98 -26.01
C LYS D 42 -24.29 -17.98 -24.94
N SER D 43 -24.43 -17.06 -23.99
CA SER D 43 -23.48 -16.95 -22.90
C SER D 43 -23.78 -17.98 -21.81
N PRO D 44 -22.76 -18.43 -21.08
CA PRO D 44 -22.98 -19.42 -20.02
C PRO D 44 -23.85 -18.86 -18.90
N GLN D 45 -24.50 -19.78 -18.18
CA GLN D 45 -25.33 -19.44 -17.05
C GLN D 45 -25.04 -20.39 -15.90
N LEU D 46 -24.96 -19.85 -14.70
CA LEU D 46 -24.65 -20.66 -13.52
C LEU D 46 -25.89 -21.39 -13.05
N LEU D 47 -25.71 -22.67 -12.69
CA LEU D 47 -26.81 -23.51 -12.23
C LEU D 47 -26.64 -23.83 -10.74
N VAL D 48 -25.68 -24.67 -10.38
CA VAL D 48 -25.44 -25.06 -9.00
C VAL D 48 -24.00 -24.70 -8.65
N TYR D 49 -23.82 -24.03 -7.52
CA TYR D 49 -22.51 -23.65 -7.03
C TYR D 49 -22.30 -24.26 -5.65
N ALA D 50 -21.03 -24.34 -5.24
CA ALA D 50 -20.63 -24.97 -3.98
C ALA D 50 -21.05 -26.44 -3.94
N ALA D 51 -21.19 -27.04 -5.13
CA ALA D 51 -21.43 -28.48 -5.30
C ALA D 51 -22.81 -28.92 -4.82
N THR D 52 -23.51 -28.06 -4.09
CA THR D 52 -24.83 -28.41 -3.58
C THR D 52 -25.87 -27.33 -3.87
N ASN D 53 -25.67 -26.11 -3.37
CA ASN D 53 -26.69 -25.09 -3.41
C ASN D 53 -26.96 -24.64 -4.85
N LEU D 54 -28.22 -24.64 -5.24
CA LEU D 54 -28.63 -24.16 -6.56
C LEU D 54 -28.74 -22.64 -6.55
N ALA D 55 -28.44 -22.04 -7.70
CA ALA D 55 -28.41 -20.59 -7.80
C ALA D 55 -29.82 -20.05 -8.03
N ASP D 56 -29.92 -18.72 -8.12
CA ASP D 56 -31.20 -18.07 -8.32
C ASP D 56 -31.70 -18.28 -9.73
N GLY D 57 -33.03 -18.34 -9.88
CA GLY D 57 -33.64 -18.54 -11.17
C GLY D 57 -33.47 -19.91 -11.76
N VAL D 58 -32.81 -20.83 -11.06
CA VAL D 58 -32.61 -22.19 -11.54
C VAL D 58 -33.77 -23.03 -11.04
N PRO D 59 -34.40 -23.84 -11.88
CA PRO D 59 -35.49 -24.70 -11.42
C PRO D 59 -35.00 -25.75 -10.44
N SER D 60 -35.95 -26.35 -9.73
CA SER D 60 -35.64 -27.28 -8.66
C SER D 60 -35.34 -28.69 -9.18
N ARG D 61 -35.40 -28.91 -10.49
CA ARG D 61 -35.11 -30.22 -11.06
C ARG D 61 -33.63 -30.57 -11.02
N PHE D 62 -32.76 -29.60 -10.76
CA PHE D 62 -31.32 -29.82 -10.76
C PHE D 62 -30.84 -29.97 -9.32
N SER D 63 -30.26 -31.12 -9.00
CA SER D 63 -29.71 -31.38 -7.67
C SER D 63 -28.27 -31.86 -7.83
N GLY D 64 -27.32 -31.03 -7.40
CA GLY D 64 -25.93 -31.43 -7.40
C GLY D 64 -25.51 -32.01 -6.06
N SER D 65 -24.50 -32.86 -6.10
CA SER D 65 -24.00 -33.48 -4.89
C SER D 65 -22.58 -33.95 -5.11
N GLY D 66 -21.85 -34.12 -4.02
CA GLY D 66 -20.50 -34.66 -4.07
C GLY D 66 -19.70 -34.24 -2.86
N SER D 67 -18.53 -34.84 -2.74
CA SER D 67 -17.59 -34.51 -1.68
C SER D 67 -16.20 -34.94 -2.13
N GLY D 68 -15.19 -34.36 -1.51
CA GLY D 68 -13.82 -34.70 -1.86
C GLY D 68 -13.46 -34.28 -3.26
N THR D 69 -13.00 -35.23 -4.08
CA THR D 69 -12.63 -34.95 -5.47
C THR D 69 -13.81 -35.19 -6.42
N GLN D 70 -14.27 -36.44 -6.50
CA GLN D 70 -15.31 -36.80 -7.45
C GLN D 70 -16.62 -36.08 -7.11
N TYR D 71 -17.23 -35.48 -8.12
CA TYR D 71 -18.48 -34.75 -7.99
C TYR D 71 -19.46 -35.23 -9.06
N SER D 72 -20.72 -34.85 -8.89
CA SER D 72 -21.76 -35.31 -9.82
C SER D 72 -22.85 -34.25 -9.92
N LEU D 73 -23.63 -34.36 -10.99
CA LEU D 73 -24.80 -33.51 -11.21
C LEU D 73 -25.93 -34.37 -11.72
N LYS D 74 -27.07 -34.34 -11.05
CA LYS D 74 -28.23 -35.16 -11.40
C LYS D 74 -29.36 -34.26 -11.86
N ILE D 75 -29.98 -34.63 -12.98
CA ILE D 75 -31.08 -33.86 -13.56
C ILE D 75 -32.31 -34.75 -13.59
N ASN D 76 -33.29 -34.44 -12.75
CA ASN D 76 -34.58 -35.12 -12.78
C ASN D 76 -35.74 -34.17 -12.51
N SER D 77 -36.73 -34.14 -13.41
CA SER D 77 -36.69 -34.90 -14.64
C SER D 77 -36.40 -33.98 -15.82
N LEU D 78 -35.72 -34.50 -16.83
CA LEU D 78 -35.27 -33.68 -17.95
C LEU D 78 -36.46 -33.07 -18.70
N GLN D 79 -36.32 -31.81 -19.08
CA GLN D 79 -37.30 -31.10 -19.88
C GLN D 79 -36.73 -30.77 -21.25
N SER D 80 -37.51 -30.07 -22.06
CA SER D 80 -37.12 -29.81 -23.44
C SER D 80 -36.21 -28.60 -23.60
N GLU D 81 -36.13 -27.74 -22.58
CA GLU D 81 -35.31 -26.53 -22.66
C GLU D 81 -33.94 -26.68 -22.04
N ASP D 82 -33.59 -27.87 -21.55
CA ASP D 82 -32.37 -28.07 -20.80
C ASP D 82 -31.20 -28.58 -21.64
N PHE D 83 -31.38 -28.73 -22.95
CA PHE D 83 -30.30 -29.24 -23.79
C PHE D 83 -29.19 -28.20 -23.91
N GLY D 84 -27.95 -28.66 -23.85
CA GLY D 84 -26.80 -27.78 -23.98
C GLY D 84 -25.60 -28.37 -23.31
N THR D 85 -24.47 -27.68 -23.48
CA THR D 85 -23.21 -28.14 -22.90
C THR D 85 -23.12 -27.76 -21.42
N TYR D 86 -22.40 -28.58 -20.67
CA TYR D 86 -22.19 -28.37 -19.24
C TYR D 86 -20.71 -28.35 -18.92
N TYR D 87 -20.35 -27.54 -17.93
CA TYR D 87 -18.97 -27.30 -17.54
C TYR D 87 -18.84 -27.40 -16.02
N CYS D 88 -17.61 -27.61 -15.54
CA CYS D 88 -17.35 -27.61 -14.11
C CYS D 88 -16.08 -26.82 -13.80
N GLN D 89 -16.09 -26.15 -12.65
CA GLN D 89 -15.08 -25.17 -12.28
C GLN D 89 -14.57 -25.45 -10.87
N GLN D 90 -13.33 -25.02 -10.60
CA GLN D 90 -12.77 -25.02 -9.26
C GLN D 90 -12.49 -23.58 -8.84
N PHE D 91 -12.76 -23.28 -7.57
CA PHE D 91 -12.45 -21.97 -7.01
C PHE D 91 -11.15 -21.99 -6.25
N TRP D 92 -10.54 -23.17 -6.12
CA TRP D 92 -9.60 -23.43 -5.03
C TRP D 92 -8.24 -22.80 -5.27
N ASP D 93 -7.66 -23.00 -6.45
CA ASP D 93 -6.32 -22.50 -6.71
C ASP D 93 -6.28 -21.87 -8.10
N THR D 94 -5.48 -20.81 -8.21
CA THR D 94 -5.23 -20.15 -9.48
C THR D 94 -4.25 -20.99 -10.29
N PRO D 95 -4.52 -21.18 -11.60
CA PRO D 95 -5.65 -20.69 -12.38
C PRO D 95 -6.94 -21.45 -12.13
N PHE D 96 -8.07 -20.77 -12.31
CA PHE D 96 -9.36 -21.44 -12.30
C PHE D 96 -9.52 -22.24 -13.58
N THR D 97 -9.77 -23.53 -13.46
CA THR D 97 -9.79 -24.43 -14.61
C THR D 97 -11.20 -24.94 -14.86
N PHE D 98 -11.49 -25.21 -16.13
CA PHE D 98 -12.79 -25.65 -16.57
C PHE D 98 -12.68 -27.05 -17.18
N GLY D 99 -13.79 -27.76 -17.18
CA GLY D 99 -13.84 -29.08 -17.78
C GLY D 99 -13.87 -29.03 -19.29
N SER D 100 -13.88 -30.22 -19.89
CA SER D 100 -13.88 -30.33 -21.35
C SER D 100 -15.26 -30.09 -21.95
N GLY D 101 -16.31 -30.23 -21.17
CA GLY D 101 -17.66 -30.01 -21.66
C GLY D 101 -18.39 -31.30 -21.95
N THR D 102 -19.71 -31.28 -21.77
CA THR D 102 -20.56 -32.43 -22.02
C THR D 102 -21.77 -31.98 -22.83
N LYS D 103 -21.90 -32.48 -24.05
CA LYS D 103 -23.02 -32.12 -24.90
C LYS D 103 -24.22 -33.00 -24.59
N LEU D 104 -25.38 -32.38 -24.38
CA LEU D 104 -26.62 -33.08 -24.07
C LEU D 104 -27.58 -32.89 -25.23
N ALA D 105 -27.83 -33.97 -25.97
CA ALA D 105 -28.74 -33.96 -27.11
C ALA D 105 -30.04 -34.68 -26.75
N ILE D 106 -30.93 -34.78 -27.73
CA ILE D 106 -32.21 -35.47 -27.58
C ILE D 106 -32.13 -36.79 -28.32
N LYS D 107 -32.59 -37.85 -27.65
CA LYS D 107 -32.49 -39.20 -28.22
C LYS D 107 -33.60 -39.44 -29.23
N ARG D 108 -33.24 -40.09 -30.34
CA ARG D 108 -34.21 -40.42 -31.38
C ARG D 108 -34.09 -41.89 -31.79
N ALA D 109 -34.85 -42.29 -32.80
CA ALA D 109 -34.80 -43.65 -33.31
C ALA D 109 -33.82 -43.73 -34.48
N ASP D 110 -33.70 -44.92 -35.07
CA ASP D 110 -32.80 -45.12 -36.19
C ASP D 110 -33.35 -44.44 -37.44
N ALA D 111 -32.45 -43.84 -38.22
CA ALA D 111 -32.81 -43.15 -39.44
C ALA D 111 -31.76 -43.40 -40.50
N ALA D 112 -32.22 -43.61 -41.76
CA ALA D 112 -31.32 -43.86 -42.87
C ALA D 112 -30.90 -42.55 -43.53
N PRO D 113 -29.62 -42.40 -43.85
CA PRO D 113 -29.16 -41.15 -44.48
C PRO D 113 -29.60 -41.05 -45.94
N THR D 114 -29.69 -39.82 -46.41
CA THR D 114 -30.03 -39.53 -47.80
C THR D 114 -28.73 -39.34 -48.57
N VAL D 115 -28.45 -40.27 -49.48
CA VAL D 115 -27.18 -40.27 -50.21
C VAL D 115 -27.28 -39.31 -51.39
N SER D 116 -26.25 -38.47 -51.54
CA SER D 116 -26.19 -37.51 -52.64
C SER D 116 -24.77 -37.41 -53.17
N ILE D 117 -24.60 -37.58 -54.48
CA ILE D 117 -23.33 -37.39 -55.16
C ILE D 117 -23.59 -36.72 -56.48
N PHE D 118 -22.84 -35.65 -56.77
CA PHE D 118 -22.98 -34.94 -58.03
C PHE D 118 -21.60 -34.64 -58.62
N PRO D 119 -21.46 -34.74 -59.94
CA PRO D 119 -20.18 -34.43 -60.58
C PRO D 119 -19.95 -32.93 -60.67
N PRO D 120 -18.69 -32.49 -60.74
CA PRO D 120 -18.43 -31.06 -60.87
C PRO D 120 -18.83 -30.53 -62.24
N SER D 121 -19.05 -29.23 -62.29
CA SER D 121 -19.52 -28.56 -63.50
C SER D 121 -18.32 -28.00 -64.28
N SER D 122 -18.61 -27.23 -65.33
CA SER D 122 -17.58 -26.68 -66.20
C SER D 122 -17.19 -25.25 -65.87
N GLU D 123 -17.84 -24.62 -64.89
CA GLU D 123 -17.54 -23.21 -64.60
C GLU D 123 -16.27 -23.06 -63.77
N GLN D 124 -16.06 -23.93 -62.78
CA GLN D 124 -14.91 -23.75 -61.89
C GLN D 124 -13.59 -24.04 -62.59
N LEU D 125 -13.61 -24.70 -63.75
CA LEU D 125 -12.37 -25.01 -64.45
C LEU D 125 -11.71 -23.75 -65.00
N THR D 126 -12.47 -22.66 -65.13
CA THR D 126 -11.88 -21.40 -65.59
C THR D 126 -10.90 -20.83 -64.56
N SER D 127 -11.17 -21.05 -63.27
CA SER D 127 -10.31 -20.54 -62.22
C SER D 127 -9.10 -21.44 -61.95
N GLY D 128 -8.99 -22.57 -62.65
CA GLY D 128 -7.85 -23.45 -62.47
C GLY D 128 -8.00 -24.53 -61.42
N GLY D 129 -9.24 -24.90 -61.08
CA GLY D 129 -9.47 -25.93 -60.09
C GLY D 129 -10.79 -26.63 -60.34
N ALA D 130 -11.01 -27.70 -59.57
CA ALA D 130 -12.25 -28.46 -59.66
C ALA D 130 -12.58 -29.00 -58.28
N SER D 131 -13.87 -29.01 -57.95
CA SER D 131 -14.34 -29.46 -56.64
C SER D 131 -15.58 -30.32 -56.83
N VAL D 132 -15.54 -31.55 -56.30
CA VAL D 132 -16.68 -32.45 -56.32
C VAL D 132 -17.25 -32.52 -54.91
N VAL D 133 -18.57 -32.60 -54.81
CA VAL D 133 -19.26 -32.53 -53.53
C VAL D 133 -20.05 -33.81 -53.29
N CYS D 134 -20.11 -34.22 -52.02
CA CYS D 134 -20.87 -35.39 -51.59
C CYS D 134 -21.62 -35.01 -50.32
N PHE D 135 -22.95 -35.09 -50.35
CA PHE D 135 -23.78 -34.67 -49.24
C PHE D 135 -24.60 -35.85 -48.70
N LEU D 136 -24.78 -35.89 -47.38
CA LEU D 136 -25.68 -36.82 -46.73
C LEU D 136 -26.57 -36.04 -45.77
N ASN D 137 -27.82 -36.48 -45.66
CA ASN D 137 -28.81 -35.77 -44.85
C ASN D 137 -29.68 -36.77 -44.10
N ASN D 138 -30.27 -36.29 -43.00
CA ASN D 138 -31.23 -37.06 -42.21
C ASN D 138 -30.64 -38.39 -41.73
N PHE D 139 -29.50 -38.28 -41.06
CA PHE D 139 -28.79 -39.45 -40.55
C PHE D 139 -28.67 -39.37 -39.04
N TYR D 140 -28.90 -40.50 -38.37
CA TYR D 140 -28.70 -40.62 -36.94
C TYR D 140 -28.15 -42.01 -36.64
N PRO D 141 -27.20 -42.13 -35.68
CA PRO D 141 -26.53 -41.06 -34.93
C PRO D 141 -25.47 -40.32 -35.75
N LYS D 142 -24.68 -39.49 -35.09
CA LYS D 142 -23.67 -38.67 -35.75
C LYS D 142 -22.39 -39.43 -36.07
N ASP D 143 -22.29 -40.70 -35.68
CA ASP D 143 -21.08 -41.49 -35.93
C ASP D 143 -21.05 -41.90 -37.40
N ILE D 144 -19.97 -41.54 -38.09
CA ILE D 144 -19.84 -41.82 -39.52
C ILE D 144 -18.35 -41.86 -39.85
N ASN D 145 -18.02 -42.53 -40.95
CA ASN D 145 -16.66 -42.54 -41.47
C ASN D 145 -16.73 -42.35 -42.98
N VAL D 146 -16.06 -41.32 -43.48
CA VAL D 146 -16.06 -40.99 -44.90
C VAL D 146 -14.94 -41.74 -45.59
N LYS D 147 -15.23 -42.25 -46.78
CA LYS D 147 -14.26 -43.02 -47.57
C LYS D 147 -14.35 -42.58 -49.03
N TRP D 148 -13.22 -42.16 -49.59
CA TRP D 148 -13.13 -41.77 -50.99
C TRP D 148 -12.26 -42.77 -51.73
N LYS D 149 -12.87 -43.56 -52.61
CA LYS D 149 -12.16 -44.61 -53.34
C LYS D 149 -11.90 -44.10 -54.76
N ILE D 150 -10.63 -43.83 -55.06
CA ILE D 150 -10.20 -43.44 -56.40
C ILE D 150 -9.19 -44.46 -56.88
N ASP D 151 -9.56 -45.23 -57.90
CA ASP D 151 -8.75 -46.33 -58.40
C ASP D 151 -8.33 -47.28 -57.28
N GLY D 152 -9.21 -47.44 -56.29
CA GLY D 152 -8.92 -48.29 -55.15
C GLY D 152 -7.80 -47.78 -54.27
N SER D 153 -7.81 -46.48 -53.96
CA SER D 153 -6.76 -45.88 -53.14
C SER D 153 -7.31 -44.68 -52.40
N GLU D 154 -6.70 -44.36 -51.27
CA GLU D 154 -7.08 -43.19 -50.47
C GLU D 154 -6.06 -42.08 -50.67
N ARG D 155 -6.55 -40.84 -50.66
CA ARG D 155 -5.70 -39.67 -50.88
C ARG D 155 -5.73 -38.78 -49.64
N GLN D 156 -4.55 -38.40 -49.17
CA GLN D 156 -4.40 -37.47 -48.05
C GLN D 156 -3.21 -36.56 -48.33
N ASN D 157 -3.28 -35.30 -47.91
CA ASN D 157 -4.43 -34.73 -47.21
C ASN D 157 -5.44 -34.08 -48.15
N GLY D 158 -6.37 -33.32 -47.58
CA GLY D 158 -7.39 -32.64 -48.35
C GLY D 158 -8.78 -33.24 -48.29
N VAL D 159 -9.02 -34.21 -47.40
CA VAL D 159 -10.34 -34.81 -47.23
C VAL D 159 -10.83 -34.43 -45.84
N LEU D 160 -11.84 -33.56 -45.78
CA LEU D 160 -12.43 -33.15 -44.52
C LEU D 160 -13.88 -32.72 -44.78
N ASN D 161 -14.70 -32.79 -43.74
CA ASN D 161 -16.14 -32.53 -43.86
C ASN D 161 -16.60 -31.66 -42.71
N SER D 162 -17.81 -31.13 -42.84
CA SER D 162 -18.45 -30.30 -41.82
C SER D 162 -19.85 -30.84 -41.56
N TRP D 163 -20.44 -30.40 -40.45
CA TRP D 163 -21.75 -30.87 -40.03
C TRP D 163 -22.58 -29.70 -39.52
N THR D 164 -23.87 -29.94 -39.38
CA THR D 164 -24.83 -28.98 -38.85
C THR D 164 -25.32 -29.44 -37.49
N ASP D 165 -25.62 -28.50 -36.61
CA ASP D 165 -26.06 -28.83 -35.26
C ASP D 165 -27.47 -29.42 -35.29
N GLN D 166 -27.97 -29.76 -34.10
CA GLN D 166 -29.25 -30.44 -33.99
C GLN D 166 -30.39 -29.48 -34.29
N ASP D 167 -31.37 -29.97 -35.05
CA ASP D 167 -32.55 -29.18 -35.38
C ASP D 167 -33.56 -29.26 -34.23
N SER D 168 -34.67 -28.53 -34.38
CA SER D 168 -35.69 -28.52 -33.32
C SER D 168 -36.68 -29.67 -33.51
N LYS D 169 -37.54 -29.57 -34.54
CA LYS D 169 -38.54 -30.60 -34.77
C LYS D 169 -37.92 -31.82 -35.45
N ASP D 170 -37.07 -31.60 -36.44
CA ASP D 170 -36.44 -32.73 -37.14
C ASP D 170 -35.35 -33.37 -36.28
N SER D 171 -34.51 -32.53 -35.65
CA SER D 171 -33.48 -32.99 -34.72
C SER D 171 -32.51 -33.96 -35.38
N THR D 172 -32.15 -33.67 -36.63
CA THR D 172 -31.19 -34.47 -37.38
C THR D 172 -30.01 -33.59 -37.78
N TYR D 173 -29.07 -34.20 -38.51
CA TYR D 173 -27.83 -33.54 -38.88
C TYR D 173 -27.71 -33.51 -40.41
N SER D 174 -26.61 -32.92 -40.88
CA SER D 174 -26.32 -32.83 -42.30
C SER D 174 -24.81 -32.85 -42.48
N MET D 175 -24.37 -33.13 -43.70
CA MET D 175 -22.95 -33.20 -44.02
C MET D 175 -22.63 -32.24 -45.17
N SER D 176 -21.33 -32.18 -45.48
CA SER D 176 -20.84 -31.36 -46.59
C SER D 176 -19.48 -31.92 -47.01
N SER D 177 -19.06 -31.55 -48.22
CA SER D 177 -17.80 -32.02 -48.76
C SER D 177 -17.11 -30.89 -49.49
N THR D 178 -15.82 -30.68 -49.18
CA THR D 178 -14.99 -29.71 -49.87
C THR D 178 -13.65 -30.36 -50.18
N LEU D 179 -13.32 -30.46 -51.46
CA LEU D 179 -12.11 -31.12 -51.92
C LEU D 179 -11.32 -30.16 -52.80
N THR D 180 -10.04 -29.98 -52.49
CA THR D 180 -9.18 -29.04 -53.20
C THR D 180 -8.31 -29.80 -54.18
N LEU D 181 -8.58 -29.64 -55.48
CA LEU D 181 -7.76 -30.23 -56.52
C LEU D 181 -7.84 -29.34 -57.75
N THR D 182 -6.72 -29.23 -58.47
CA THR D 182 -6.65 -28.38 -59.64
C THR D 182 -7.27 -29.08 -60.86
N LYS D 183 -7.27 -28.39 -61.99
CA LYS D 183 -8.05 -28.84 -63.14
C LYS D 183 -7.36 -29.97 -63.91
N ASP D 184 -6.04 -29.92 -64.04
CA ASP D 184 -5.36 -30.90 -64.89
C ASP D 184 -5.24 -32.26 -64.23
N GLU D 185 -5.35 -32.35 -62.91
CA GLU D 185 -5.30 -33.62 -62.21
C GLU D 185 -6.68 -34.25 -62.04
N TYR D 186 -7.74 -33.58 -62.50
CA TYR D 186 -9.07 -34.17 -62.44
C TYR D 186 -9.31 -35.17 -63.57
N GLU D 187 -8.63 -34.99 -64.70
CA GLU D 187 -8.81 -35.84 -65.87
C GLU D 187 -7.82 -37.00 -65.91
N ARG D 188 -6.96 -37.15 -64.91
CA ARG D 188 -5.98 -38.23 -64.94
C ARG D 188 -6.59 -39.57 -64.56
N HIS D 189 -7.69 -39.56 -63.81
CA HIS D 189 -8.42 -40.77 -63.46
C HIS D 189 -9.88 -40.62 -63.90
N ASN D 190 -10.67 -41.66 -63.65
CA ASN D 190 -12.06 -41.70 -64.08
C ASN D 190 -13.01 -42.04 -62.94
N SER D 191 -12.91 -43.24 -62.37
CA SER D 191 -13.87 -43.68 -61.35
C SER D 191 -13.72 -42.86 -60.08
N TYR D 192 -14.83 -42.30 -59.62
CA TYR D 192 -14.88 -41.52 -58.39
C TYR D 192 -16.02 -42.06 -57.54
N THR D 193 -15.75 -42.29 -56.26
CA THR D 193 -16.72 -42.94 -55.38
C THR D 193 -16.72 -42.27 -54.02
N CYS D 194 -17.92 -41.99 -53.51
CA CYS D 194 -18.11 -41.44 -52.16
C CYS D 194 -18.74 -42.53 -51.30
N GLU D 195 -18.01 -42.96 -50.26
CA GLU D 195 -18.47 -44.00 -49.36
C GLU D 195 -18.57 -43.47 -47.94
N ALA D 196 -19.63 -43.87 -47.24
CA ALA D 196 -19.84 -43.52 -45.84
C ALA D 196 -20.31 -44.77 -45.10
N THR D 197 -19.59 -45.15 -44.05
CA THR D 197 -19.90 -46.36 -43.29
C THR D 197 -20.76 -45.97 -42.09
N HIS D 198 -22.01 -46.42 -42.10
CA HIS D 198 -22.95 -46.14 -41.02
C HIS D 198 -23.52 -47.45 -40.50
N LYS D 199 -24.10 -47.41 -39.30
CA LYS D 199 -24.57 -48.60 -38.63
C LYS D 199 -25.95 -49.06 -39.11
N THR D 200 -26.58 -48.36 -40.04
CA THR D 200 -27.88 -48.81 -40.54
C THR D 200 -27.74 -50.09 -41.34
N SER D 201 -26.76 -50.14 -42.25
CA SER D 201 -26.52 -51.31 -43.08
C SER D 201 -25.08 -51.78 -42.88
N THR D 202 -24.89 -53.11 -42.90
CA THR D 202 -23.55 -53.65 -42.73
C THR D 202 -22.66 -53.35 -43.94
N SER D 203 -23.26 -53.24 -45.13
CA SER D 203 -22.51 -52.92 -46.34
C SER D 203 -22.90 -51.53 -46.81
N PRO D 204 -21.99 -50.56 -46.82
CA PRO D 204 -22.33 -49.22 -47.28
C PRO D 204 -22.73 -49.23 -48.75
N ILE D 205 -23.77 -48.44 -49.07
CA ILE D 205 -24.23 -48.35 -50.45
C ILE D 205 -23.17 -47.66 -51.30
N VAL D 206 -23.14 -48.01 -52.58
CA VAL D 206 -22.11 -47.54 -53.50
C VAL D 206 -22.77 -46.74 -54.61
N LYS D 207 -22.29 -45.51 -54.82
CA LYS D 207 -22.75 -44.66 -55.91
C LYS D 207 -21.54 -43.97 -56.51
N SER D 208 -21.38 -44.09 -57.83
CA SER D 208 -20.23 -43.55 -58.54
C SER D 208 -20.70 -42.83 -59.79
N PHE D 209 -19.80 -42.05 -60.38
CA PHE D 209 -20.07 -41.30 -61.59
C PHE D 209 -18.82 -41.31 -62.47
N ASN D 210 -19.01 -40.91 -63.73
CA ASN D 210 -17.90 -40.88 -64.69
C ASN D 210 -17.76 -39.50 -65.32
N ARG D 211 -16.89 -39.38 -66.31
CA ARG D 211 -16.55 -38.10 -66.91
C ARG D 211 -17.68 -37.59 -67.80
N ASN D 212 -17.97 -38.29 -68.88
CA ASN D 212 -18.90 -37.84 -69.90
C ASN D 212 -20.36 -38.16 -69.58
N GLU D 213 -20.64 -38.79 -68.44
CA GLU D 213 -22.01 -39.09 -68.06
C GLU D 213 -22.80 -37.81 -67.79
N GLU E 1 -31.54 -7.37 -13.79
CA GLU E 1 -31.17 -6.39 -12.78
C GLU E 1 -29.71 -5.98 -12.92
N VAL E 2 -28.91 -6.86 -13.52
CA VAL E 2 -27.48 -6.62 -13.75
C VAL E 2 -27.20 -6.91 -15.21
N GLN E 3 -26.76 -5.89 -15.94
CA GLN E 3 -26.50 -6.01 -17.37
C GLN E 3 -25.04 -5.72 -17.65
N LEU E 4 -24.41 -6.56 -18.48
CA LEU E 4 -23.04 -6.38 -18.92
C LEU E 4 -23.02 -6.33 -20.43
N GLN E 5 -22.61 -5.20 -20.98
CA GLN E 5 -22.57 -4.99 -22.42
C GLN E 5 -21.12 -4.86 -22.88
N GLN E 6 -20.77 -5.61 -23.92
CA GLN E 6 -19.42 -5.61 -24.45
C GLN E 6 -19.39 -4.83 -25.77
N SER E 7 -18.22 -4.83 -26.41
CA SER E 7 -18.05 -4.15 -27.68
C SER E 7 -18.52 -5.07 -28.82
N GLY E 8 -18.28 -4.65 -30.06
CA GLY E 8 -18.65 -5.43 -31.21
C GLY E 8 -17.48 -6.23 -31.75
N PRO E 9 -17.78 -7.23 -32.58
CA PRO E 9 -16.71 -8.08 -33.14
C PRO E 9 -15.68 -7.24 -33.88
N GLU E 10 -14.42 -7.65 -33.75
CA GLU E 10 -13.29 -6.88 -34.29
C GLU E 10 -12.36 -7.82 -35.05
N LEU E 11 -11.83 -7.32 -36.16
CA LEU E 11 -10.92 -8.09 -37.01
C LEU E 11 -9.63 -7.29 -37.15
N VAL E 12 -8.49 -7.98 -37.06
CA VAL E 12 -7.19 -7.33 -37.12
C VAL E 12 -6.17 -8.31 -37.71
N LYS E 13 -5.18 -7.75 -38.40
CA LYS E 13 -4.09 -8.55 -38.94
C LYS E 13 -3.16 -9.01 -37.82
N PRO E 14 -2.48 -10.15 -38.02
CA PRO E 14 -1.57 -10.64 -36.98
C PRO E 14 -0.44 -9.67 -36.70
N GLY E 15 -0.06 -9.58 -35.42
CA GLY E 15 1.03 -8.74 -34.98
C GLY E 15 0.61 -7.45 -34.31
N ALA E 16 -0.64 -7.02 -34.51
CA ALA E 16 -1.11 -5.76 -33.94
C ALA E 16 -1.74 -6.01 -32.57
N SER E 17 -2.40 -4.99 -32.02
CA SER E 17 -3.01 -5.07 -30.71
C SER E 17 -4.49 -4.76 -30.80
N VAL E 18 -5.22 -5.15 -29.75
CA VAL E 18 -6.67 -4.94 -29.69
C VAL E 18 -7.04 -4.66 -28.24
N LYS E 19 -8.07 -3.82 -28.06
CA LYS E 19 -8.56 -3.46 -26.74
C LYS E 19 -10.07 -3.58 -26.72
N MET E 20 -10.60 -4.38 -25.81
CA MET E 20 -12.04 -4.54 -25.67
C MET E 20 -12.56 -3.62 -24.57
N SER E 21 -13.88 -3.67 -24.35
CA SER E 21 -14.51 -2.90 -23.28
C SER E 21 -15.68 -3.69 -22.74
N CYS E 22 -15.85 -3.65 -21.42
CA CYS E 22 -16.95 -4.33 -20.74
C CYS E 22 -17.58 -3.33 -19.79
N LYS E 23 -18.83 -2.98 -20.04
CA LYS E 23 -19.54 -1.99 -19.23
C LYS E 23 -20.67 -2.70 -18.49
N THR E 24 -20.83 -2.38 -17.20
CA THR E 24 -21.82 -3.01 -16.35
C THR E 24 -22.65 -1.94 -15.65
N SER E 25 -23.64 -2.41 -14.90
CA SER E 25 -24.54 -1.55 -14.13
C SER E 25 -25.33 -2.43 -13.18
N GLY E 26 -26.19 -1.80 -12.38
CA GLY E 26 -27.06 -2.51 -11.48
C GLY E 26 -26.48 -2.81 -10.11
N TYR E 27 -25.20 -2.52 -9.89
CA TYR E 27 -24.56 -2.80 -8.60
C TYR E 27 -23.39 -1.85 -8.44
N THR E 28 -22.88 -1.77 -7.20
CA THR E 28 -21.72 -0.95 -6.94
C THR E 28 -20.51 -1.56 -7.63
N PHE E 29 -19.87 -0.78 -8.50
CA PHE E 29 -18.83 -1.34 -9.36
C PHE E 29 -17.55 -1.63 -8.60
N THR E 30 -17.28 -0.90 -7.53
CA THR E 30 -16.03 -1.06 -6.81
C THR E 30 -16.02 -2.25 -5.86
N GLU E 31 -17.18 -2.82 -5.55
CA GLU E 31 -17.29 -3.87 -4.54
C GLU E 31 -17.30 -5.27 -5.11
N ASN E 32 -17.17 -5.44 -6.43
CA ASN E 32 -17.24 -6.76 -7.05
C ASN E 32 -16.13 -6.93 -8.07
N THR E 33 -15.45 -8.06 -8.01
CA THR E 33 -14.38 -8.40 -8.94
C THR E 33 -14.98 -8.81 -10.29
N MET E 34 -14.12 -8.74 -11.32
CA MET E 34 -14.50 -9.13 -12.67
C MET E 34 -13.43 -10.05 -13.24
N HIS E 35 -13.86 -11.04 -14.02
CA HIS E 35 -12.96 -11.99 -14.65
C HIS E 35 -13.17 -11.99 -16.16
N TRP E 36 -12.20 -12.56 -16.87
CA TRP E 36 -12.25 -12.70 -18.32
C TRP E 36 -12.04 -14.16 -18.69
N VAL E 37 -12.86 -14.66 -19.62
CA VAL E 37 -12.85 -16.05 -20.02
C VAL E 37 -12.88 -16.11 -21.55
N ARG E 38 -12.01 -16.93 -22.13
CA ARG E 38 -11.96 -17.13 -23.58
C ARG E 38 -12.49 -18.51 -23.93
N GLN E 39 -13.26 -18.57 -25.01
CA GLN E 39 -13.83 -19.82 -25.50
C GLN E 39 -13.25 -20.11 -26.88
N SER E 40 -12.43 -21.15 -26.96
CA SER E 40 -11.92 -21.63 -28.24
C SER E 40 -12.74 -22.83 -28.69
N HIS E 41 -12.39 -23.37 -29.84
CA HIS E 41 -13.17 -24.44 -30.45
C HIS E 41 -12.84 -25.83 -29.90
N GLY E 42 -13.84 -26.70 -29.85
CA GLY E 42 -15.23 -26.27 -29.97
C GLY E 42 -15.82 -25.64 -28.72
N LYS E 43 -15.77 -26.41 -27.62
CA LYS E 43 -16.30 -25.99 -26.33
C LYS E 43 -15.23 -25.53 -25.35
N SER E 44 -13.96 -25.58 -25.74
CA SER E 44 -12.87 -25.37 -24.79
C SER E 44 -12.90 -23.96 -24.21
N LEU E 45 -12.73 -23.87 -22.89
CA LEU E 45 -12.71 -22.61 -22.17
C LEU E 45 -11.40 -22.48 -21.38
N GLU E 46 -10.98 -21.24 -21.18
CA GLU E 46 -9.80 -20.92 -20.39
C GLU E 46 -10.11 -19.69 -19.55
N TRP E 47 -9.26 -19.43 -18.56
CA TRP E 47 -9.43 -18.33 -17.63
C TRP E 47 -8.30 -17.33 -17.83
N ILE E 48 -8.63 -16.12 -18.26
CA ILE E 48 -7.64 -15.10 -18.56
C ILE E 48 -7.08 -14.55 -17.26
N GLY E 49 -7.91 -13.85 -16.50
CA GLY E 49 -7.48 -13.28 -15.24
C GLY E 49 -8.56 -12.41 -14.64
N GLY E 50 -8.40 -12.14 -13.35
CA GLY E 50 -9.33 -11.31 -12.62
C GLY E 50 -8.78 -9.91 -12.36
N ILE E 51 -9.68 -9.06 -11.87
CA ILE E 51 -9.34 -7.69 -11.49
C ILE E 51 -10.25 -7.28 -10.34
N TYR E 52 -9.70 -6.50 -9.42
CA TYR E 52 -10.49 -5.97 -8.30
C TYR E 52 -10.56 -4.46 -8.42
N PRO E 53 -11.68 -3.91 -8.74
CA PRO E 53 -11.76 -2.47 -9.08
C PRO E 53 -11.97 -1.58 -7.86
N LYS E 54 -10.98 -1.54 -6.97
CA LYS E 54 -10.94 -0.49 -5.96
C LYS E 54 -9.86 0.49 -6.35
N ASN E 55 -8.60 0.09 -6.22
CA ASN E 55 -7.51 0.81 -6.87
C ASN E 55 -6.97 -0.03 -8.02
N ASP E 56 -6.16 -1.05 -7.72
CA ASP E 56 -5.94 -2.14 -8.65
C ASP E 56 -5.54 -3.38 -7.87
N ASP E 57 -6.08 -4.53 -8.29
CA ASP E 57 -5.58 -5.82 -7.84
C ASP E 57 -5.72 -6.79 -9.01
N THR E 58 -4.65 -7.50 -9.33
CA THR E 58 -4.58 -8.26 -10.57
C THR E 58 -4.05 -9.66 -10.32
N LYS E 59 -4.68 -10.65 -10.96
CA LYS E 59 -4.18 -12.02 -10.98
C LYS E 59 -4.27 -12.53 -12.41
N TYR E 60 -3.13 -12.91 -12.97
CA TYR E 60 -3.04 -13.45 -14.33
C TYR E 60 -2.81 -14.94 -14.30
N ASN E 61 -3.35 -15.62 -15.32
CA ASN E 61 -2.95 -16.99 -15.58
C ASN E 61 -1.49 -17.01 -16.03
N GLN E 62 -0.74 -18.01 -15.57
CA GLN E 62 0.68 -18.06 -15.89
C GLN E 62 0.95 -18.22 -17.38
N LYS E 63 0.00 -18.79 -18.13
CA LYS E 63 0.19 -18.94 -19.57
C LYS E 63 -0.11 -17.63 -20.31
N PHE E 64 -1.14 -16.92 -19.88
CA PHE E 64 -1.59 -15.70 -20.54
C PHE E 64 -1.01 -14.44 -19.91
N LYS E 65 -0.11 -14.58 -18.94
CA LYS E 65 0.40 -13.42 -18.19
C LYS E 65 1.01 -12.37 -19.11
N GLY E 66 1.75 -12.81 -20.13
CA GLY E 66 2.44 -11.87 -20.99
C GLY E 66 1.63 -11.37 -22.16
N LYS E 67 0.60 -12.12 -22.56
CA LYS E 67 -0.18 -11.81 -23.75
C LYS E 67 -1.42 -10.99 -23.44
N ALA E 68 -1.66 -10.60 -22.20
CA ALA E 68 -2.88 -9.88 -21.86
C ALA E 68 -2.60 -8.93 -20.70
N THR E 69 -3.26 -7.78 -20.73
CA THR E 69 -3.21 -6.80 -19.64
C THR E 69 -4.63 -6.43 -19.25
N LEU E 70 -4.79 -5.92 -18.04
CA LEU E 70 -6.09 -5.60 -17.48
C LEU E 70 -6.04 -4.21 -16.85
N THR E 71 -6.93 -3.32 -17.32
CA THR E 71 -7.06 -1.98 -16.76
C THR E 71 -8.54 -1.71 -16.50
N VAL E 72 -8.80 -0.86 -15.51
CA VAL E 72 -10.15 -0.53 -15.09
C VAL E 72 -10.23 0.97 -14.83
N ASP E 73 -11.25 1.62 -15.39
CA ASP E 73 -11.54 3.02 -15.13
C ASP E 73 -12.64 3.10 -14.09
N LYS E 74 -12.34 3.70 -12.94
CA LYS E 74 -13.28 3.75 -11.82
C LYS E 74 -14.28 4.88 -11.92
N SER E 75 -14.03 5.89 -12.76
CA SER E 75 -14.99 6.98 -12.89
C SER E 75 -16.18 6.55 -13.73
N SER E 76 -15.97 6.37 -15.03
CA SER E 76 -16.95 5.74 -15.90
C SER E 76 -16.71 4.23 -15.85
N SER E 77 -17.79 3.47 -15.64
CA SER E 77 -17.64 2.05 -15.35
C SER E 77 -17.31 1.30 -16.63
N THR E 78 -16.14 0.67 -16.66
CA THR E 78 -15.71 -0.12 -17.80
C THR E 78 -14.62 -1.07 -17.35
N ALA E 79 -14.43 -2.14 -18.13
CA ALA E 79 -13.34 -3.08 -17.95
C ALA E 79 -12.74 -3.38 -19.31
N CYS E 80 -11.46 -3.06 -19.47
CA CYS E 80 -10.80 -3.19 -20.76
C CYS E 80 -9.57 -4.07 -20.63
N MET E 81 -9.40 -4.98 -21.58
CA MET E 81 -8.23 -5.83 -21.65
C MET E 81 -7.56 -5.66 -23.00
N GLU E 82 -6.23 -5.70 -22.99
CA GLU E 82 -5.43 -5.43 -24.18
C GLU E 82 -4.54 -6.62 -24.46
N LEU E 83 -4.43 -6.99 -25.74
CA LEU E 83 -3.66 -8.15 -26.16
C LEU E 83 -2.50 -7.70 -27.04
N ARG E 84 -1.33 -8.29 -26.82
CA ARG E 84 -0.12 -7.96 -27.56
C ARG E 84 0.35 -9.17 -28.35
N SER E 85 0.83 -8.92 -29.57
CA SER E 85 1.38 -9.94 -30.46
C SER E 85 0.37 -11.06 -30.70
N LEU E 86 -0.68 -10.70 -31.43
CA LEU E 86 -1.72 -11.65 -31.77
C LEU E 86 -1.22 -12.65 -32.82
N THR E 87 -1.91 -13.78 -32.90
CA THR E 87 -1.52 -14.84 -33.82
C THR E 87 -2.80 -15.55 -34.30
N SER E 88 -2.61 -16.67 -34.99
CA SER E 88 -3.75 -17.35 -35.60
C SER E 88 -4.64 -18.02 -34.56
N GLU E 89 -4.06 -18.67 -33.57
CA GLU E 89 -4.85 -19.43 -32.61
C GLU E 89 -5.37 -18.57 -31.46
N ASP E 90 -5.13 -17.28 -31.47
CA ASP E 90 -5.64 -16.39 -30.43
C ASP E 90 -7.03 -15.84 -30.73
N SER E 91 -7.66 -16.28 -31.82
CA SER E 91 -8.99 -15.79 -32.18
C SER E 91 -10.04 -16.61 -31.46
N ALA E 92 -10.79 -15.96 -30.57
CA ALA E 92 -11.82 -16.63 -29.79
C ALA E 92 -12.79 -15.58 -29.26
N VAL E 93 -13.97 -16.03 -28.86
CA VAL E 93 -14.92 -15.15 -28.19
C VAL E 93 -14.47 -14.96 -26.75
N TYR E 94 -14.58 -13.74 -26.25
CA TYR E 94 -14.12 -13.39 -24.92
C TYR E 94 -15.31 -12.97 -24.06
N TYR E 95 -15.33 -13.44 -22.82
CA TYR E 95 -16.39 -13.17 -21.88
C TYR E 95 -15.88 -12.29 -20.75
N CYS E 96 -16.78 -11.49 -20.18
CA CYS E 96 -16.52 -10.75 -18.96
C CYS E 96 -17.71 -10.92 -18.03
N ALA E 97 -17.44 -11.35 -16.80
CA ALA E 97 -18.50 -11.66 -15.86
C ALA E 97 -18.08 -11.25 -14.46
N ARG E 98 -19.05 -10.83 -13.65
CA ARG E 98 -18.77 -10.30 -12.33
C ARG E 98 -18.50 -11.42 -11.33
N GLY E 99 -17.64 -11.13 -10.37
CA GLY E 99 -17.24 -12.07 -9.35
C GLY E 99 -18.04 -11.94 -8.07
N ASP E 100 -17.37 -12.20 -6.96
CA ASP E 100 -17.98 -12.16 -5.64
C ASP E 100 -17.45 -10.97 -4.86
N TYR E 101 -18.27 -10.48 -3.93
CA TYR E 101 -17.90 -9.33 -3.12
C TYR E 101 -16.60 -9.61 -2.38
N GLU E 102 -15.60 -8.73 -2.59
CA GLU E 102 -14.30 -8.82 -1.92
C GLU E 102 -13.64 -10.18 -2.11
N ASN E 103 -13.93 -10.86 -3.22
CA ASN E 103 -13.42 -12.21 -3.40
C ASN E 103 -13.31 -12.53 -4.88
N TYR E 104 -12.31 -13.34 -5.22
CA TYR E 104 -12.16 -13.89 -6.56
C TYR E 104 -12.85 -15.24 -6.72
N PHE E 105 -13.31 -15.84 -5.64
CA PHE E 105 -13.90 -17.17 -5.66
C PHE E 105 -15.41 -17.02 -5.83
N TYR E 106 -16.17 -18.09 -5.59
CA TYR E 106 -17.63 -18.02 -5.72
C TYR E 106 -18.01 -17.67 -7.16
N ALA E 107 -17.97 -18.68 -8.03
CA ALA E 107 -17.89 -18.49 -9.48
C ALA E 107 -18.93 -17.53 -10.00
N MET E 108 -18.54 -16.85 -11.08
CA MET E 108 -19.27 -15.73 -11.65
C MET E 108 -20.73 -16.06 -11.86
N ASP E 109 -21.60 -15.14 -11.45
CA ASP E 109 -23.04 -15.31 -11.62
C ASP E 109 -23.49 -14.80 -12.99
N TYR E 110 -23.35 -13.50 -13.22
CA TYR E 110 -23.86 -12.84 -14.41
C TYR E 110 -22.74 -12.62 -15.41
N TRP E 111 -23.02 -12.89 -16.67
CA TRP E 111 -22.03 -12.92 -17.75
C TRP E 111 -22.28 -11.79 -18.75
N GLY E 112 -21.46 -11.77 -19.80
CA GLY E 112 -21.56 -10.78 -20.84
C GLY E 112 -22.16 -11.33 -22.13
N GLN E 113 -21.99 -10.57 -23.21
CA GLN E 113 -22.56 -10.92 -24.50
C GLN E 113 -21.59 -11.65 -25.42
N GLY E 114 -20.36 -11.87 -24.98
CA GLY E 114 -19.42 -12.67 -25.75
C GLY E 114 -18.96 -12.08 -27.06
N THR E 115 -18.38 -10.89 -27.02
CA THR E 115 -17.82 -10.29 -28.23
C THR E 115 -16.69 -11.13 -28.80
N SER E 116 -16.82 -11.48 -30.08
CA SER E 116 -15.82 -12.29 -30.76
C SER E 116 -14.65 -11.42 -31.21
N VAL E 117 -13.48 -12.05 -31.32
CA VAL E 117 -12.28 -11.42 -31.83
C VAL E 117 -11.63 -12.38 -32.82
N THR E 118 -11.51 -11.95 -34.07
CA THR E 118 -10.91 -12.75 -35.12
C THR E 118 -9.67 -12.05 -35.66
N VAL E 119 -8.67 -12.85 -36.03
CA VAL E 119 -7.40 -12.34 -36.52
C VAL E 119 -7.10 -13.05 -37.84
N SER E 120 -7.07 -12.29 -38.93
CA SER E 120 -6.74 -12.85 -40.23
C SER E 120 -6.07 -11.75 -41.07
N SER E 121 -5.10 -12.17 -41.88
CA SER E 121 -4.38 -11.25 -42.77
C SER E 121 -4.96 -11.21 -44.17
N ALA E 122 -6.02 -11.96 -44.44
CA ALA E 122 -6.60 -12.00 -45.77
C ALA E 122 -7.40 -10.74 -46.06
N LYS E 123 -7.45 -10.38 -47.33
CA LYS E 123 -8.20 -9.21 -47.79
C LYS E 123 -9.64 -9.61 -48.09
N THR E 124 -10.58 -8.72 -47.77
CA THR E 124 -11.98 -8.97 -48.03
C THR E 124 -12.24 -9.09 -49.52
N THR E 125 -12.89 -10.18 -49.92
CA THR E 125 -13.17 -10.46 -51.32
C THR E 125 -14.67 -10.66 -51.51
N PRO E 126 -15.24 -10.14 -52.60
CA PRO E 126 -16.66 -10.39 -52.87
C PRO E 126 -16.89 -11.84 -53.24
N PRO E 127 -17.95 -12.46 -52.71
CA PRO E 127 -18.17 -13.89 -52.96
C PRO E 127 -18.68 -14.15 -54.37
N SER E 128 -18.39 -15.36 -54.84
CA SER E 128 -18.86 -15.85 -56.13
C SER E 128 -19.49 -17.22 -55.92
N VAL E 129 -20.77 -17.35 -56.27
CA VAL E 129 -21.51 -18.59 -56.04
C VAL E 129 -21.07 -19.64 -57.06
N TYR E 130 -21.61 -20.85 -56.94
CA TYR E 130 -21.30 -21.94 -57.84
C TYR E 130 -22.58 -22.70 -58.17
N PRO E 131 -22.79 -23.06 -59.44
CA PRO E 131 -24.00 -23.81 -59.80
C PRO E 131 -23.91 -25.27 -59.40
N LEU E 132 -25.02 -25.82 -58.93
CA LEU E 132 -25.16 -27.26 -58.70
C LEU E 132 -26.50 -27.69 -59.27
N ALA E 133 -26.47 -28.51 -60.32
CA ALA E 133 -27.68 -28.97 -60.99
C ALA E 133 -27.44 -30.37 -61.54
N PRO E 134 -28.49 -31.18 -61.67
CA PRO E 134 -28.39 -32.48 -62.35
C PRO E 134 -28.25 -32.30 -63.86
N GLY E 135 -27.55 -33.21 -64.54
CA GLY E 135 -27.00 -34.40 -63.91
C GLY E 135 -26.44 -35.39 -64.92
N CYS E 136 -26.37 -36.65 -64.54
CA CYS E 136 -25.83 -37.69 -65.40
C CYS E 136 -26.83 -38.21 -66.43
N GLY E 137 -28.06 -37.70 -66.43
CA GLY E 137 -29.07 -38.12 -67.37
C GLY E 137 -30.13 -39.04 -66.79
N ASP E 138 -29.88 -39.67 -65.65
CA ASP E 138 -30.84 -40.53 -64.97
C ASP E 138 -30.95 -40.08 -63.52
N THR E 139 -32.12 -39.58 -63.14
CA THR E 139 -32.35 -39.04 -61.81
C THR E 139 -32.86 -40.14 -60.89
N THR E 140 -32.20 -40.31 -59.75
CA THR E 140 -32.63 -41.27 -58.74
C THR E 140 -32.21 -40.77 -57.35
N GLY E 141 -33.07 -40.96 -56.35
CA GLY E 141 -34.38 -41.54 -56.53
C GLY E 141 -35.46 -40.49 -56.76
N SER E 142 -36.67 -40.78 -56.27
CA SER E 142 -37.79 -39.87 -56.45
C SER E 142 -37.58 -38.51 -55.78
N SER E 143 -36.56 -38.38 -54.93
CA SER E 143 -36.23 -37.11 -54.29
C SER E 143 -35.07 -36.47 -55.03
N VAL E 144 -35.33 -35.33 -55.67
CA VAL E 144 -34.32 -34.60 -56.43
C VAL E 144 -33.74 -33.52 -55.52
N THR E 145 -32.47 -33.66 -55.17
CA THR E 145 -31.80 -32.75 -54.25
C THR E 145 -30.75 -31.93 -54.97
N LEU E 146 -30.49 -30.74 -54.45
CA LEU E 146 -29.48 -29.84 -55.00
C LEU E 146 -29.03 -28.89 -53.90
N GLY E 147 -28.15 -27.98 -54.27
CA GLY E 147 -27.62 -27.04 -53.30
C GLY E 147 -26.84 -25.93 -53.97
N CYS E 148 -26.07 -25.21 -53.15
CA CYS E 148 -25.29 -24.09 -53.63
C CYS E 148 -23.88 -24.21 -53.08
N LEU E 149 -22.96 -23.45 -53.68
CA LEU E 149 -21.58 -23.38 -53.20
C LEU E 149 -21.07 -21.95 -53.38
N VAL E 150 -20.41 -21.45 -52.35
CA VAL E 150 -19.89 -20.08 -52.33
C VAL E 150 -18.40 -20.14 -52.06
N LYS E 151 -17.63 -19.35 -52.82
CA LYS E 151 -16.18 -19.34 -52.69
C LYS E 151 -15.68 -17.91 -52.81
N GLY E 152 -14.61 -17.61 -52.07
CA GLY E 152 -13.99 -16.30 -52.13
C GLY E 152 -14.73 -15.22 -51.38
N TYR E 153 -15.13 -15.51 -50.14
CA TYR E 153 -15.80 -14.55 -49.28
C TYR E 153 -15.01 -14.40 -47.99
N PHE E 154 -15.08 -13.22 -47.40
CA PHE E 154 -14.39 -12.91 -46.15
C PHE E 154 -14.71 -11.48 -45.71
N PRO E 155 -14.99 -11.29 -44.41
CA PRO E 155 -15.14 -12.34 -43.40
C PRO E 155 -16.58 -12.85 -43.32
N GLU E 156 -16.86 -13.71 -42.34
CA GLU E 156 -18.22 -14.18 -42.09
C GLU E 156 -19.16 -13.01 -41.80
N SER E 157 -20.42 -13.11 -42.26
CA SER E 157 -20.93 -14.25 -43.00
C SER E 157 -21.85 -13.80 -44.13
N VAL E 158 -22.48 -14.77 -44.79
CA VAL E 158 -23.43 -14.49 -45.86
C VAL E 158 -24.82 -14.95 -45.46
N THR E 159 -25.80 -14.76 -46.33
CA THR E 159 -27.17 -15.17 -46.07
C THR E 159 -27.64 -16.10 -47.18
N VAL E 160 -28.66 -16.91 -46.88
CA VAL E 160 -29.22 -17.86 -47.82
C VAL E 160 -30.66 -17.46 -48.13
N THR E 161 -31.03 -17.56 -49.41
CA THR E 161 -32.37 -17.23 -49.85
C THR E 161 -32.77 -18.19 -50.97
N TRP E 162 -33.99 -18.72 -50.89
CA TRP E 162 -34.52 -19.64 -51.89
C TRP E 162 -35.86 -19.11 -52.38
N ASN E 163 -35.91 -18.71 -53.64
CA ASN E 163 -37.13 -18.18 -54.26
C ASN E 163 -37.75 -17.08 -53.41
N SER E 164 -36.91 -16.11 -53.03
CA SER E 164 -37.32 -15.00 -52.18
C SER E 164 -37.90 -15.50 -50.85
N GLY E 165 -37.33 -16.57 -50.30
CA GLY E 165 -37.81 -17.12 -49.05
C GLY E 165 -39.10 -17.89 -49.18
N SER E 166 -39.23 -18.72 -50.22
CA SER E 166 -40.45 -19.48 -50.42
C SER E 166 -40.61 -20.59 -49.39
N LEU E 167 -39.58 -21.42 -49.21
CA LEU E 167 -39.63 -22.55 -48.29
C LEU E 167 -38.40 -22.51 -47.40
N SER E 168 -38.63 -22.39 -46.09
CA SER E 168 -37.56 -22.44 -45.09
C SER E 168 -37.42 -23.81 -44.43
N SER E 169 -38.26 -24.78 -44.79
CA SER E 169 -38.29 -26.07 -44.10
C SER E 169 -37.14 -26.99 -44.46
N SER E 170 -36.84 -27.16 -45.74
CA SER E 170 -35.82 -28.12 -46.18
C SER E 170 -34.45 -27.50 -46.39
N VAL E 171 -34.29 -26.20 -46.13
CA VAL E 171 -33.02 -25.52 -46.30
C VAL E 171 -32.16 -25.77 -45.06
N HIS E 172 -30.87 -26.02 -45.29
CA HIS E 172 -29.91 -26.26 -44.22
C HIS E 172 -28.75 -25.28 -44.34
N THR E 173 -28.09 -25.04 -43.22
CA THR E 173 -26.94 -24.15 -43.15
C THR E 173 -25.72 -24.91 -42.66
N PHE E 174 -24.54 -24.38 -43.00
CA PHE E 174 -23.28 -24.99 -42.64
C PHE E 174 -22.27 -23.92 -42.28
N PRO E 175 -21.39 -24.17 -41.31
CA PRO E 175 -20.32 -23.21 -41.02
C PRO E 175 -19.32 -23.12 -42.15
N ALA E 176 -18.31 -22.26 -42.01
CA ALA E 176 -17.31 -22.12 -43.05
C ALA E 176 -16.26 -23.22 -42.91
N LEU E 177 -15.33 -23.26 -43.87
CA LEU E 177 -14.27 -24.25 -43.89
C LEU E 177 -12.97 -23.55 -44.30
N LEU E 178 -11.88 -23.87 -43.62
CA LEU E 178 -10.61 -23.19 -43.83
C LEU E 178 -9.78 -23.97 -44.85
N GLN E 179 -9.59 -23.39 -46.04
CA GLN E 179 -8.69 -23.92 -47.05
C GLN E 179 -7.89 -22.77 -47.64
N SER E 180 -6.57 -22.81 -47.50
CA SER E 180 -5.65 -21.84 -48.08
C SER E 180 -6.05 -20.41 -47.71
N GLY E 181 -6.38 -20.22 -46.44
CA GLY E 181 -6.75 -18.90 -45.94
C GLY E 181 -8.08 -18.37 -46.42
N LEU E 182 -8.85 -19.15 -47.17
CA LEU E 182 -10.16 -18.75 -47.66
C LEU E 182 -11.21 -19.74 -47.17
N TYR E 183 -12.47 -19.33 -47.23
CA TYR E 183 -13.58 -20.11 -46.71
C TYR E 183 -14.48 -20.56 -47.86
N THR E 184 -15.50 -21.34 -47.51
CA THR E 184 -16.44 -21.87 -48.48
C THR E 184 -17.77 -22.16 -47.80
N MET E 185 -18.83 -22.21 -48.60
CA MET E 185 -20.17 -22.51 -48.12
C MET E 185 -20.76 -23.67 -48.91
N SER E 186 -21.81 -24.26 -48.33
CA SER E 186 -22.52 -25.37 -48.97
C SER E 186 -23.95 -25.37 -48.47
N SER E 187 -24.81 -26.07 -49.21
CA SER E 187 -26.21 -26.18 -48.84
C SER E 187 -26.81 -27.42 -49.47
N SER E 188 -27.92 -27.88 -48.90
CA SER E 188 -28.65 -29.02 -49.41
C SER E 188 -30.14 -28.80 -49.21
N VAL E 189 -30.93 -29.15 -50.22
CA VAL E 189 -32.38 -28.99 -50.21
C VAL E 189 -33.01 -30.27 -50.72
N THR E 190 -33.93 -30.83 -49.94
CA THR E 190 -34.62 -32.07 -50.30
C THR E 190 -35.93 -31.72 -51.00
N VAL E 191 -36.03 -32.09 -52.28
CA VAL E 191 -37.21 -31.81 -53.09
C VAL E 191 -37.62 -33.09 -53.82
N PRO E 192 -38.92 -33.36 -53.97
CA PRO E 192 -39.34 -34.51 -54.78
C PRO E 192 -39.04 -34.32 -56.27
N SER E 193 -39.49 -35.26 -57.08
CA SER E 193 -39.27 -35.22 -58.52
C SER E 193 -40.34 -34.45 -59.28
N SER E 194 -41.30 -33.85 -58.57
CA SER E 194 -42.37 -33.10 -59.23
C SER E 194 -41.96 -31.69 -59.60
N THR E 195 -40.75 -31.26 -59.27
CA THR E 195 -40.27 -29.91 -59.62
C THR E 195 -39.62 -29.94 -60.99
N TRP E 196 -38.43 -30.54 -61.09
CA TRP E 196 -37.76 -30.74 -62.37
C TRP E 196 -38.40 -31.94 -63.07
N PRO E 197 -38.52 -31.90 -64.41
CA PRO E 197 -38.16 -30.86 -65.39
C PRO E 197 -39.03 -29.61 -65.39
N SER E 198 -40.22 -29.68 -64.78
CA SER E 198 -41.21 -28.62 -64.97
C SER E 198 -40.81 -27.33 -64.25
N GLN E 199 -40.85 -27.33 -62.93
CA GLN E 199 -40.43 -26.14 -62.18
C GLN E 199 -38.92 -26.10 -62.04
N THR E 200 -38.38 -24.89 -62.02
CA THR E 200 -36.94 -24.66 -61.92
C THR E 200 -36.66 -23.71 -60.77
N VAL E 201 -35.68 -24.05 -59.95
CA VAL E 201 -35.30 -23.26 -58.78
C VAL E 201 -33.95 -22.62 -59.05
N THR E 202 -33.75 -21.42 -58.49
CA THR E 202 -32.52 -20.67 -58.63
C THR E 202 -31.91 -20.42 -57.26
N CYS E 203 -30.60 -20.17 -57.25
CA CYS E 203 -29.87 -19.90 -56.01
C CYS E 203 -29.48 -18.43 -55.95
N SER E 204 -29.67 -17.83 -54.77
CA SER E 204 -29.33 -16.43 -54.54
C SER E 204 -28.62 -16.32 -53.20
N VAL E 205 -27.42 -15.77 -53.20
CA VAL E 205 -26.62 -15.59 -52.00
C VAL E 205 -26.17 -14.14 -51.93
N ALA E 206 -26.45 -13.48 -50.81
CA ALA E 206 -26.07 -12.09 -50.60
C ALA E 206 -25.06 -11.99 -49.47
N HIS E 207 -24.12 -11.07 -49.60
CA HIS E 207 -23.09 -10.84 -48.59
C HIS E 207 -23.29 -9.47 -47.97
N PRO E 208 -23.73 -9.39 -46.71
CA PRO E 208 -24.01 -8.06 -46.13
C PRO E 208 -22.78 -7.20 -45.98
N ALA E 209 -21.62 -7.78 -45.70
CA ALA E 209 -20.42 -6.99 -45.45
C ALA E 209 -19.95 -6.30 -46.73
N SER E 210 -19.76 -7.06 -47.79
CA SER E 210 -19.26 -6.52 -49.05
C SER E 210 -20.36 -6.00 -49.95
N SER E 211 -21.63 -6.11 -49.52
CA SER E 211 -22.77 -5.64 -50.31
C SER E 211 -22.80 -6.28 -51.70
N THR E 212 -22.52 -7.58 -51.75
CA THR E 212 -22.47 -8.33 -53.01
C THR E 212 -23.61 -9.34 -53.01
N THR E 213 -24.56 -9.17 -53.93
CA THR E 213 -25.68 -10.07 -54.09
C THR E 213 -25.63 -10.66 -55.49
N VAL E 214 -25.40 -11.97 -55.57
CA VAL E 214 -25.27 -12.68 -56.83
C VAL E 214 -26.41 -13.70 -56.93
N ASP E 215 -27.13 -13.68 -58.04
CA ASP E 215 -28.24 -14.59 -58.29
C ASP E 215 -27.87 -15.49 -59.46
N LYS E 216 -27.72 -16.78 -59.19
CA LYS E 216 -27.35 -17.76 -60.19
C LYS E 216 -28.56 -18.62 -60.54
N LYS E 217 -28.76 -18.84 -61.84
CA LYS E 217 -29.88 -19.62 -62.35
C LYS E 217 -29.45 -21.07 -62.46
N LEU E 218 -30.10 -21.95 -61.70
CA LEU E 218 -29.76 -23.37 -61.71
C LEU E 218 -30.55 -24.11 -62.79
C1 SPH F . 11.88 1.63 8.18
O1 SPH F . 12.12 2.80 7.43
C2 SPH F . 12.69 1.69 9.47
N2 SPH F . 13.33 2.98 9.60
C3 SPH F . 11.78 1.48 10.67
O3 SPH F . 10.66 0.70 10.32
C4 SPH F . 12.53 0.83 11.80
C5 SPH F . 12.47 -0.62 12.00
C6 SPH F . 13.40 -1.28 12.99
C7 SPH F . 14.59 -1.84 12.23
C8 SPH F . 14.21 -3.18 11.60
C9 SPH F . 14.53 -4.34 12.54
C10 SPH F . 15.11 -5.52 11.78
C11 SPH F . 14.19 -5.95 10.64
C12 SPH F . 14.91 -6.93 9.71
C13 SPH F . 15.05 -8.29 10.37
C14 SPH F . 14.09 -9.31 9.76
C15 SPH F . 14.35 -10.72 10.28
C16 SPH F . 13.27 -11.66 9.81
C17 SPH F . 13.27 -12.95 10.63
C18 SPH F . 13.77 -14.13 9.81
#